data_2XFL
#
_entry.id   2XFL
#
_cell.length_a   60.110
_cell.length_b   179.127
_cell.length_c   64.177
_cell.angle_alpha   90.00
_cell.angle_beta   111.25
_cell.angle_gamma   90.00
#
_symmetry.space_group_name_H-M   'P 1 21 1'
#
loop_
_entity.id
_entity.type
_entity.pdbx_description
1 polymer DYNE7
2 water water
#
_entity_poly.entity_id   1
_entity_poly.type   'polypeptide(L)'
_entity_poly.pdbx_seq_one_letter_code
;DSYVHRHVVTFDETNLVGNVYFAHYLHWQGHCREHFLADHAPGVMAALADGLALVTVDCHADFYAEGSAFDEVEVRMMLD
RLDGHRIAMSFDYVRVAPGPPTLLAQGRQTVACMRRAGHGLEPVEVPAELRRALSRYAVVAR
;
_entity_poly.pdbx_strand_id   A,B,C,D,E,F,G,H
#
# COMPACT_ATOMS: atom_id res chain seq x y z
N ASP A 1 -8.52 1.04 17.91
CA ASP A 1 -9.82 1.41 17.34
C ASP A 1 -9.72 2.69 16.48
N SER A 2 -10.60 2.78 15.45
CA SER A 2 -10.62 3.93 14.57
C SER A 2 -12.02 4.46 14.33
N TYR A 3 -12.12 5.76 14.14
CA TYR A 3 -13.36 6.44 13.80
C TYR A 3 -13.53 6.44 12.27
N VAL A 4 -14.62 5.93 11.78
CA VAL A 4 -14.79 5.81 10.34
C VAL A 4 -15.74 6.76 9.72
N HIS A 5 -15.16 7.66 8.95
CA HIS A 5 -15.90 8.64 8.15
C HIS A 5 -15.94 8.15 6.69
N ARG A 6 -17.17 7.96 6.18
CA ARG A 6 -17.39 7.47 4.83
C ARG A 6 -17.45 8.65 3.86
N HIS A 7 -16.75 8.52 2.72
CA HIS A 7 -16.80 9.49 1.65
C HIS A 7 -16.97 8.78 0.31
N VAL A 8 -17.89 9.26 -0.52
CA VAL A 8 -18.01 8.77 -1.91
C VAL A 8 -17.43 9.83 -2.87
N VAL A 9 -16.37 9.46 -3.62
CA VAL A 9 -15.65 10.32 -4.55
C VAL A 9 -16.60 10.82 -5.64
N THR A 10 -16.65 12.15 -5.80
CA THR A 10 -17.50 12.88 -6.74
C THR A 10 -16.68 13.38 -7.94
N PHE A 11 -17.35 13.76 -9.06
CA PHE A 11 -16.66 14.17 -10.27
C PHE A 11 -15.85 15.45 -10.16
N ASP A 12 -16.32 16.40 -9.33
CA ASP A 12 -15.59 17.64 -9.01
C ASP A 12 -14.25 17.45 -8.27
N GLU A 13 -14.02 16.23 -7.73
CA GLU A 13 -12.80 15.79 -7.05
C GLU A 13 -11.79 15.08 -7.95
N THR A 14 -12.19 14.78 -9.20
CA THR A 14 -11.37 14.12 -10.20
C THR A 14 -10.89 15.14 -11.23
N ASN A 15 -9.58 15.10 -11.57
CA ASN A 15 -8.96 15.94 -12.61
C ASN A 15 -8.95 15.21 -13.97
N LEU A 16 -8.33 15.83 -15.02
CA LEU A 16 -8.32 15.31 -16.39
C LEU A 16 -7.71 13.91 -16.55
N VAL A 17 -6.81 13.54 -15.62
CA VAL A 17 -6.14 12.23 -15.55
C VAL A 17 -7.16 11.10 -15.25
N GLY A 18 -8.21 11.44 -14.50
CA GLY A 18 -9.28 10.51 -14.13
C GLY A 18 -9.26 10.12 -12.67
N ASN A 19 -8.18 10.52 -11.95
CA ASN A 19 -7.95 10.19 -10.54
C ASN A 19 -8.20 11.39 -9.64
N VAL A 20 -8.44 11.12 -8.32
CA VAL A 20 -8.70 12.16 -7.31
C VAL A 20 -7.51 13.13 -7.25
N TYR A 21 -7.79 14.45 -7.36
CA TYR A 21 -6.77 15.48 -7.14
C TYR A 21 -6.23 15.38 -5.72
N PHE A 22 -4.88 15.49 -5.55
CA PHE A 22 -4.28 15.24 -4.24
C PHE A 22 -4.92 16.03 -3.10
N ALA A 23 -5.14 17.34 -3.34
CA ALA A 23 -5.55 18.29 -2.32
C ALA A 23 -6.74 17.77 -1.56
N HIS A 24 -7.71 17.15 -2.27
CA HIS A 24 -8.98 16.66 -1.72
C HIS A 24 -8.82 15.75 -0.52
N TYR A 25 -7.73 14.95 -0.49
CA TYR A 25 -7.47 14.05 0.62
C TYR A 25 -7.32 14.84 1.94
N LEU A 26 -6.87 16.12 1.87
CA LEU A 26 -6.72 17.00 3.02
C LEU A 26 -8.06 17.56 3.50
N HIS A 27 -8.94 18.02 2.59
CA HIS A 27 -10.35 18.32 2.89
C HIS A 27 -11.04 17.18 3.69
N TRP A 28 -10.85 15.90 3.28
CA TRP A 28 -11.50 14.74 3.89
C TRP A 28 -11.11 14.55 5.33
N GLN A 29 -9.84 14.90 5.72
CA GLN A 29 -9.34 14.90 7.12
C GLN A 29 -10.17 15.85 7.93
N GLY A 30 -10.50 17.00 7.31
CA GLY A 30 -11.34 18.04 7.88
C GLY A 30 -12.74 17.54 8.13
N HIS A 31 -13.34 16.83 7.13
CA HIS A 31 -14.69 16.26 7.23
C HIS A 31 -14.74 15.18 8.35
N CYS A 32 -13.71 14.34 8.42
CA CYS A 32 -13.56 13.27 9.38
C CYS A 32 -13.55 13.82 10.82
N ARG A 33 -12.70 14.86 11.11
CA ARG A 33 -12.64 15.48 12.44
C ARG A 33 -13.94 16.20 12.83
N GLU A 34 -14.54 16.92 11.85
CA GLU A 34 -15.82 17.62 12.04
C GLU A 34 -16.95 16.61 12.35
N HIS A 35 -17.08 15.56 11.53
CA HIS A 35 -18.02 14.45 11.72
C HIS A 35 -17.82 13.77 13.08
N PHE A 36 -16.56 13.57 13.51
CA PHE A 36 -16.23 13.09 14.86
C PHE A 36 -16.80 13.96 15.98
N LEU A 37 -16.61 15.31 15.95
CA LEU A 37 -17.22 16.23 16.92
C LEU A 37 -18.75 16.18 16.97
N ALA A 38 -19.40 16.09 15.79
CA ALA A 38 -20.86 15.94 15.68
C ALA A 38 -21.36 14.71 16.43
N ASP A 39 -20.62 13.59 16.32
CA ASP A 39 -21.00 12.29 16.87
C ASP A 39 -20.66 12.11 18.36
N HIS A 40 -19.46 12.55 18.79
CA HIS A 40 -18.85 12.16 20.06
C HIS A 40 -18.48 13.34 21.01
N ALA A 41 -18.54 14.60 20.54
CA ALA A 41 -18.32 15.79 21.38
C ALA A 41 -19.22 16.99 20.96
N PRO A 42 -20.57 16.85 21.00
CA PRO A 42 -21.44 17.88 20.41
C PRO A 42 -21.52 19.21 21.17
N GLY A 43 -21.06 19.23 22.43
CA GLY A 43 -20.94 20.46 23.20
C GLY A 43 -19.83 21.35 22.71
N VAL A 44 -18.71 20.74 22.28
CA VAL A 44 -17.53 21.41 21.74
C VAL A 44 -17.92 22.12 20.42
N MET A 45 -18.75 21.44 19.57
CA MET A 45 -19.23 21.93 18.27
C MET A 45 -20.10 23.21 18.41
N ALA A 46 -20.93 23.27 19.48
CA ALA A 46 -21.69 24.45 19.86
C ALA A 46 -20.75 25.56 20.38
N ALA A 47 -19.68 25.18 21.10
CA ALA A 47 -18.71 26.10 21.70
C ALA A 47 -17.77 26.79 20.69
N LEU A 48 -17.58 26.21 19.49
CA LEU A 48 -16.80 26.79 18.37
C LEU A 48 -17.51 28.01 17.73
N ALA A 49 -18.86 28.12 17.91
CA ALA A 49 -19.69 29.28 17.53
C ALA A 49 -19.55 30.47 18.52
N ASP A 50 -19.05 30.19 19.73
CA ASP A 50 -18.86 31.22 20.75
C ASP A 50 -17.54 31.11 21.51
N GLY A 51 -16.46 31.64 20.94
CA GLY A 51 -15.17 31.79 21.61
C GLY A 51 -14.07 30.84 21.18
N LEU A 52 -14.36 29.52 21.22
CA LEU A 52 -13.40 28.43 20.97
C LEU A 52 -13.05 28.28 19.48
N ALA A 53 -11.97 28.16 18.99
CA ALA A 53 -11.47 27.82 17.62
C ALA A 53 -10.44 26.66 17.61
N LEU A 54 -10.67 25.67 16.73
CA LEU A 54 -9.68 24.67 16.46
C LEU A 54 -8.75 25.08 15.28
N VAL A 55 -7.54 25.49 15.58
CA VAL A 55 -6.57 25.94 14.55
C VAL A 55 -5.79 24.76 14.05
N THR A 56 -5.57 24.48 12.80
CA THR A 56 -4.68 23.47 12.20
C THR A 56 -3.23 23.94 12.32
N VAL A 57 -2.38 23.11 12.95
CA VAL A 57 -0.94 23.41 13.13
C VAL A 57 -0.11 22.92 11.93
N ASP A 58 -0.40 21.69 11.46
CA ASP A 58 0.20 21.04 10.31
C ASP A 58 -0.69 19.96 9.77
N CYS A 59 -0.40 19.51 8.55
CA CYS A 59 -1.00 18.32 7.96
C CYS A 59 -0.05 17.65 6.98
N HIS A 60 -0.18 16.33 6.85
CA HIS A 60 0.67 15.51 5.98
C HIS A 60 -0.19 14.42 5.36
N ALA A 61 0.18 14.00 4.12
CA ALA A 61 -0.44 12.93 3.36
C ALA A 61 0.64 12.19 2.52
N ASP A 62 0.48 10.88 2.35
CA ASP A 62 1.33 10.02 1.51
C ASP A 62 0.39 9.28 0.61
N PHE A 63 0.69 9.21 -0.70
CA PHE A 63 -0.26 8.68 -1.69
C PHE A 63 0.28 7.44 -2.36
N TYR A 64 -0.50 6.37 -2.29
CA TYR A 64 -0.08 5.01 -2.70
C TYR A 64 -0.81 4.50 -3.92
N ALA A 65 -2.03 4.64 -3.88
CA ALA A 65 -2.90 4.11 -4.97
C ALA A 65 -3.87 5.16 -5.44
N GLU A 66 -4.39 5.18 -6.86
CA GLU A 66 -5.29 6.18 -7.42
C GLU A 66 -6.73 5.89 -7.11
N GLY A 67 -7.43 6.92 -6.69
CA GLY A 67 -8.88 6.90 -6.55
C GLY A 67 -9.57 7.23 -7.86
N SER A 68 -10.90 7.08 -7.90
CA SER A 68 -11.70 7.36 -9.09
C SER A 68 -13.10 7.82 -8.71
N ALA A 69 -13.43 8.55 -9.50
CA ALA A 69 -14.81 8.95 -9.31
C ALA A 69 -15.68 7.73 -9.01
N PHE A 70 -16.41 7.75 -7.83
CA PHE A 70 -17.38 6.75 -7.34
C PHE A 70 -16.73 5.60 -6.55
N ASP A 71 -15.85 5.81 -6.24
CA ASP A 71 -15.23 5.01 -5.17
C ASP A 71 -15.83 5.36 -3.81
N GLU A 72 -16.09 4.35 -2.98
CA GLU A 72 -16.54 4.50 -1.60
C GLU A 72 -15.31 4.43 -0.73
N VAL A 73 -14.82 5.55 -0.16
CA VAL A 73 -13.61 5.70 0.64
C VAL A 73 -13.94 5.76 2.12
N GLU A 74 -13.21 4.98 2.95
CA GLU A 74 -13.24 5.10 4.40
C GLU A 74 -12.06 5.91 4.88
N VAL A 75 -12.35 7.01 5.58
CA VAL A 75 -11.34 7.85 6.20
C VAL A 75 -11.34 7.43 7.65
N ARG A 76 -10.51 6.66 7.92
CA ARG A 76 -10.43 6.05 9.24
C ARG A 76 -9.47 6.85 10.08
N MET A 77 -9.96 7.39 11.19
CA MET A 77 -9.15 8.32 11.96
C MET A 77 -8.79 7.73 13.29
N MET A 78 -7.48 7.80 13.77
CA MET A 78 -6.98 7.40 15.08
C MET A 78 -6.35 8.62 15.83
N LEU A 79 -6.29 8.57 17.22
CA LEU A 79 -5.62 9.57 18.07
C LEU A 79 -4.14 9.17 18.26
N ASP A 80 -3.14 9.84 17.76
CA ASP A 80 -1.70 9.67 17.99
C ASP A 80 -1.30 10.20 19.36
N ARG A 81 -1.72 11.60 19.67
CA ARG A 81 -1.21 12.32 20.82
C ARG A 81 -2.19 13.36 21.33
N LEU A 82 -2.30 13.46 22.65
CA LEU A 82 -2.99 14.55 23.34
C LEU A 82 -1.99 15.32 24.23
N ASP A 83 -1.64 16.55 23.81
CA ASP A 83 -0.49 17.30 24.33
C ASP A 83 -0.88 18.71 24.85
N GLY A 84 -1.49 18.62 25.93
CA GLY A 84 -1.91 19.84 26.61
C GLY A 84 -3.06 20.57 25.93
N HIS A 85 -2.81 21.64 24.98
CA HIS A 85 -3.80 22.32 24.16
C HIS A 85 -3.89 21.69 22.76
N ARG A 86 -3.01 20.72 22.43
CA ARG A 86 -2.87 20.13 21.07
C ARG A 86 -3.38 18.67 20.93
N ILE A 87 -3.88 18.34 19.72
CA ILE A 87 -4.38 17.02 19.33
C ILE A 87 -3.75 16.57 18.00
N ALA A 88 -3.13 15.35 17.98
CA ALA A 88 -2.53 14.77 16.78
C ALA A 88 -3.35 13.57 16.31
N MET A 89 -3.84 13.61 15.06
CA MET A 89 -4.61 12.52 14.49
C MET A 89 -3.88 11.96 13.29
N SER A 90 -4.08 10.65 13.03
CA SER A 90 -3.65 10.01 11.78
C SER A 90 -4.85 9.44 11.02
N PHE A 91 -4.58 9.15 9.78
CA PHE A 91 -5.67 8.76 8.89
C PHE A 91 -5.27 7.63 7.96
N ASP A 92 -6.22 6.74 7.68
CA ASP A 92 -6.10 5.69 6.64
C ASP A 92 -7.27 5.89 5.69
N TYR A 93 -6.93 5.99 4.40
CA TYR A 93 -7.88 6.16 3.31
C TYR A 93 -7.96 4.84 2.58
N VAL A 94 -9.03 4.09 2.84
CA VAL A 94 -9.23 2.75 2.28
C VAL A 94 -10.42 2.79 1.32
N ARG A 95 -10.19 2.41 0.06
CA ARG A 95 -11.32 2.20 -0.84
C ARG A 95 -11.94 0.84 -0.49
N VAL A 96 -13.24 0.84 -0.13
CA VAL A 96 -13.94 -0.38 0.30
C VAL A 96 -14.86 -0.92 -0.78
N ALA A 97 -15.19 -0.07 -1.79
CA ALA A 97 -15.95 -0.43 -2.97
C ALA A 97 -15.59 0.57 -4.08
N PRO A 98 -15.54 0.23 -5.47
CA PRO A 98 -15.62 -1.15 -5.97
C PRO A 98 -14.33 -1.92 -5.75
N GLY A 99 -14.35 -3.23 -6.06
CA GLY A 99 -13.21 -4.13 -6.03
C GLY A 99 -12.66 -4.37 -4.64
N PRO A 100 -11.48 -4.92 -4.39
CA PRO A 100 -10.90 -5.23 -3.08
C PRO A 100 -10.56 -3.96 -2.28
N PRO A 101 -10.50 -4.13 -0.80
CA PRO A 101 -10.06 -2.98 0.00
C PRO A 101 -8.64 -2.62 -0.38
N THR A 102 -8.42 -1.35 -0.71
CA THR A 102 -7.13 -0.83 -1.16
C THR A 102 -6.74 0.42 -0.38
N LEU A 103 -5.53 0.44 0.20
CA LEU A 103 -5.01 1.62 0.86
C LEU A 103 -4.57 2.59 -0.22
N LEU A 104 -5.32 3.70 -0.57
CA LEU A 104 -5.08 4.74 -1.56
C LEU A 104 -4.03 5.70 -1.05
N ALA A 105 -4.14 6.14 0.33
CA ALA A 105 -3.20 7.05 0.97
C ALA A 105 -3.21 6.89 2.48
N GLN A 106 -2.39 7.62 3.24
CA GLN A 106 -2.31 7.76 4.71
C GLN A 106 -1.99 9.20 5.01
N GLY A 107 -2.45 9.69 6.15
CA GLY A 107 -2.31 11.09 6.51
C GLY A 107 -2.10 11.32 7.98
N ARG A 108 -1.83 12.64 8.23
CA ARG A 108 -1.75 13.10 9.63
C ARG A 108 -2.18 14.55 9.73
N GLN A 109 -2.48 15.01 10.96
CA GLN A 109 -2.90 16.39 11.20
C GLN A 109 -2.78 16.74 12.68
N THR A 110 -2.46 18.01 12.95
CA THR A 110 -2.35 18.54 14.31
C THR A 110 -3.28 19.74 14.42
N VAL A 111 -4.05 19.78 15.55
CA VAL A 111 -5.04 20.82 15.82
C VAL A 111 -4.82 21.41 17.21
N ALA A 112 -4.85 22.74 17.35
CA ALA A 112 -4.67 23.34 18.66
C ALA A 112 -5.88 24.06 19.11
N CYS A 113 -6.10 24.01 20.44
CA CYS A 113 -7.22 24.64 21.11
C CYS A 113 -6.88 26.07 21.49
N MET A 114 -7.61 26.88 21.05
CA MET A 114 -7.44 28.33 21.07
C MET A 114 -8.77 29.04 21.42
N ARG A 115 -8.74 29.96 22.43
CA ARG A 115 -9.86 30.85 22.74
C ARG A 115 -9.46 32.30 22.48
N ARG A 116 -10.13 32.97 21.51
CA ARG A 116 -9.85 34.33 21.02
C ARG A 116 -9.68 35.40 22.14
N ALA A 117 -8.56 36.15 22.07
CA ALA A 117 -8.11 37.09 23.11
C ALA A 117 -8.65 38.50 22.82
N GLY A 118 -8.06 39.52 23.46
CA GLY A 118 -8.46 40.92 23.29
C GLY A 118 -8.54 41.34 21.83
N HIS A 119 -7.50 40.96 21.02
CA HIS A 119 -7.39 41.21 19.57
C HIS A 119 -6.86 39.98 18.80
N GLY A 120 -6.21 39.06 19.53
CA GLY A 120 -5.56 37.86 18.98
C GLY A 120 -6.19 36.55 19.39
N LEU A 121 -5.35 35.52 19.64
CA LEU A 121 -5.74 34.20 20.19
C LEU A 121 -4.74 33.68 21.23
N GLU A 122 -5.21 32.78 22.10
CA GLU A 122 -4.47 32.24 23.23
C GLU A 122 -4.68 30.74 23.28
N PRO A 123 -3.69 29.94 23.74
CA PRO A 123 -3.93 28.49 23.87
C PRO A 123 -4.77 28.13 25.10
N VAL A 124 -5.99 27.56 24.91
CA VAL A 124 -6.79 26.95 25.99
C VAL A 124 -6.39 25.46 26.17
N GLU A 125 -6.90 24.79 27.24
CA GLU A 125 -6.69 23.37 27.57
C GLU A 125 -7.84 22.55 26.92
N VAL A 126 -7.51 21.41 26.21
CA VAL A 126 -8.46 20.55 25.46
C VAL A 126 -9.77 20.44 26.26
N PRO A 127 -10.96 20.82 25.70
CA PRO A 127 -12.20 20.77 26.51
C PRO A 127 -12.48 19.42 27.14
N ALA A 128 -12.94 19.41 28.40
CA ALA A 128 -13.23 18.20 29.17
C ALA A 128 -13.92 17.13 28.33
N GLU A 129 -14.99 17.51 27.59
CA GLU A 129 -15.82 16.61 26.78
C GLU A 129 -15.05 15.98 25.61
N LEU A 130 -14.25 16.81 24.93
CA LEU A 130 -13.39 16.35 23.84
C LEU A 130 -12.29 15.43 24.35
N ARG A 131 -11.86 15.57 25.63
CA ARG A 131 -10.86 14.68 26.21
C ARG A 131 -11.53 13.33 26.49
N ARG A 132 -12.76 13.36 27.09
CA ARG A 132 -13.57 12.17 27.37
C ARG A 132 -13.68 11.32 26.11
N ALA A 133 -13.85 12.06 24.80
CA ALA A 133 -14.10 11.38 23.54
C ALA A 133 -12.84 10.81 22.95
N LEU A 134 -11.72 11.49 23.10
CA LEU A 134 -10.48 10.97 22.54
C LEU A 134 -9.97 9.78 23.39
N SER A 135 -10.38 9.63 24.77
CA SER A 135 -10.12 8.54 25.72
C SER A 135 -10.68 7.21 25.23
N ARG A 136 -11.86 7.22 24.58
CA ARG A 136 -12.42 5.99 24.02
C ARG A 136 -11.71 5.59 22.70
N TYR A 137 -10.57 6.25 22.37
CA TYR A 137 -9.65 5.81 21.31
C TYR A 137 -8.18 5.98 21.76
N ASP B 1 -43.22 12.92 -5.34
CA ASP B 1 -42.00 12.14 -5.04
C ASP B 1 -40.74 12.69 -5.67
N SER B 2 -39.64 12.56 -4.93
CA SER B 2 -38.36 13.13 -5.29
C SER B 2 -37.23 12.18 -4.93
N TYR B 3 -36.08 12.34 -5.61
CA TYR B 3 -34.86 11.59 -5.27
C TYR B 3 -34.12 12.34 -4.17
N VAL B 4 -33.86 11.67 -3.02
CA VAL B 4 -33.25 12.29 -1.85
C VAL B 4 -31.73 12.05 -1.70
N HIS B 5 -30.91 13.08 -2.02
CA HIS B 5 -29.48 13.06 -1.74
C HIS B 5 -29.22 13.82 -0.42
N ARG B 6 -28.55 13.18 0.52
CA ARG B 6 -28.26 13.79 1.79
C ARG B 6 -26.88 14.35 1.87
N HIS B 7 -26.81 15.55 2.40
CA HIS B 7 -25.53 16.22 2.54
C HIS B 7 -25.44 16.84 3.92
N VAL B 8 -24.29 16.63 4.60
CA VAL B 8 -24.05 17.29 5.88
C VAL B 8 -23.04 18.42 5.66
N VAL B 9 -23.46 19.69 5.92
CA VAL B 9 -22.67 20.90 5.68
C VAL B 9 -21.39 20.86 6.54
N THR B 10 -20.22 21.00 5.87
CA THR B 10 -18.88 20.94 6.45
C THR B 10 -18.33 22.38 6.58
N PHE B 11 -17.24 22.58 7.39
CA PHE B 11 -16.68 23.89 7.65
C PHE B 11 -16.06 24.60 6.46
N ASP B 12 -15.48 23.85 5.52
CA ASP B 12 -14.92 24.38 4.28
C ASP B 12 -15.97 24.94 3.31
N GLU B 13 -17.25 24.66 3.60
CA GLU B 13 -18.45 25.16 2.87
C GLU B 13 -19.04 26.43 3.47
N THR B 14 -18.59 26.83 4.70
CA THR B 14 -19.03 28.03 5.40
C THR B 14 -18.00 29.15 5.25
N ASN B 15 -18.46 30.38 4.97
CA ASN B 15 -17.61 31.58 4.91
C ASN B 15 -17.60 32.32 6.27
N LEU B 16 -16.88 33.46 6.40
CA LEU B 16 -16.75 34.17 7.67
C LEU B 16 -18.05 34.72 8.28
N VAL B 17 -19.09 34.89 7.46
CA VAL B 17 -20.45 35.22 7.89
C VAL B 17 -21.08 34.08 8.77
N GLY B 18 -20.68 32.83 8.54
CA GLY B 18 -21.10 31.68 9.32
C GLY B 18 -22.03 30.75 8.58
N ASN B 19 -22.49 31.25 7.31
CA ASN B 19 -23.49 30.55 6.49
C ASN B 19 -22.82 29.89 5.28
N VAL B 20 -23.54 29.07 4.55
CA VAL B 20 -22.98 28.35 3.39
C VAL B 20 -22.68 29.31 2.24
N TYR B 21 -21.39 29.21 1.74
CA TYR B 21 -21.08 29.96 0.52
C TYR B 21 -21.97 29.52 -0.64
N PHE B 22 -22.55 30.58 -1.42
CA PHE B 22 -23.54 30.27 -2.44
C PHE B 22 -23.14 29.16 -3.44
N ALA B 23 -21.91 29.17 -3.95
CA ALA B 23 -21.50 28.31 -5.07
C ALA B 23 -21.60 26.85 -4.75
N HIS B 24 -21.45 26.40 -3.41
CA HIS B 24 -21.54 25.02 -2.94
C HIS B 24 -22.84 24.38 -3.28
N TYR B 25 -23.96 25.16 -3.30
CA TYR B 25 -25.29 24.64 -3.60
C TYR B 25 -25.30 24.06 -5.01
N LEU B 26 -24.44 24.59 -5.94
CA LEU B 26 -24.31 24.09 -7.33
C LEU B 26 -23.55 22.75 -7.43
N HIS B 27 -22.41 22.64 -6.71
CA HIS B 27 -21.72 21.36 -6.46
C HIS B 27 -22.68 20.24 -6.01
N TRP B 28 -23.61 20.55 -5.07
CA TRP B 28 -24.53 19.57 -4.50
C TRP B 28 -25.50 19.01 -5.54
N GLN B 29 -25.89 19.83 -6.56
CA GLN B 29 -26.72 19.41 -7.72
C GLN B 29 -25.97 18.32 -8.52
N GLY B 30 -24.66 18.51 -8.64
CA GLY B 30 -23.76 17.58 -9.29
C GLY B 30 -23.70 16.29 -8.54
N HIS B 31 -23.57 16.37 -7.26
CA HIS B 31 -23.53 15.18 -6.36
C HIS B 31 -24.85 14.40 -6.41
N CYS B 32 -25.99 15.13 -6.41
CA CYS B 32 -27.33 14.57 -6.46
C CYS B 32 -27.54 13.77 -7.74
N ARG B 33 -27.29 14.42 -8.97
CA ARG B 33 -27.43 13.72 -10.26
C ARG B 33 -26.48 12.49 -10.38
N GLU B 34 -25.17 12.62 -9.86
CA GLU B 34 -24.18 11.54 -9.80
C GLU B 34 -24.66 10.40 -8.89
N HIS B 35 -25.05 10.67 -7.65
CA HIS B 35 -25.61 9.71 -6.69
C HIS B 35 -26.86 9.00 -7.26
N PHE B 36 -27.70 9.75 -7.93
CA PHE B 36 -28.83 9.18 -8.65
C PHE B 36 -28.42 8.08 -9.65
N LEU B 37 -27.41 8.32 -10.50
CA LEU B 37 -26.87 7.32 -11.44
C LEU B 37 -26.33 6.08 -10.76
N ALA B 38 -25.66 6.24 -9.72
CA ALA B 38 -25.14 5.15 -8.91
C ALA B 38 -26.27 4.23 -8.42
N ASP B 39 -27.40 4.83 -7.99
CA ASP B 39 -28.54 4.12 -7.40
C ASP B 39 -29.50 3.49 -8.41
N HIS B 40 -29.84 4.29 -9.48
CA HIS B 40 -30.98 3.98 -10.35
C HIS B 40 -30.66 3.80 -11.84
N ALA B 41 -29.43 4.16 -12.30
CA ALA B 41 -28.98 3.92 -13.68
C ALA B 41 -27.49 3.52 -13.78
N PRO B 42 -27.11 2.38 -13.12
CA PRO B 42 -25.67 2.10 -13.01
C PRO B 42 -24.96 1.70 -14.31
N GLY B 43 -25.74 1.38 -15.35
CA GLY B 43 -25.21 1.10 -16.68
C GLY B 43 -24.71 2.35 -17.36
N VAL B 44 -25.52 3.55 -17.12
CA VAL B 44 -25.19 4.88 -17.68
C VAL B 44 -23.87 5.37 -17.08
N MET B 45 -23.67 5.09 -15.76
CA MET B 45 -22.51 5.34 -14.91
C MET B 45 -21.24 4.73 -15.56
N ALA B 46 -21.31 3.49 -15.97
CA ALA B 46 -20.24 2.75 -16.63
C ALA B 46 -19.97 3.30 -18.05
N ALA B 47 -20.91 3.70 -18.86
CA ALA B 47 -20.84 4.22 -20.22
C ALA B 47 -20.18 5.61 -20.29
N LEU B 48 -20.08 6.24 -19.14
CA LEU B 48 -19.45 7.52 -18.97
C LEU B 48 -17.98 7.43 -19.22
N ALA B 49 -17.40 6.38 -18.68
CA ALA B 49 -15.99 6.03 -18.85
C ALA B 49 -15.60 5.79 -20.33
N ASP B 50 -16.50 5.27 -21.05
CA ASP B 50 -16.27 4.97 -22.47
C ASP B 50 -17.27 5.66 -23.41
N GLY B 51 -17.03 6.87 -23.82
CA GLY B 51 -17.73 7.63 -24.84
C GLY B 51 -19.07 8.33 -24.76
N LEU B 52 -19.72 8.33 -23.55
CA LEU B 52 -20.83 9.16 -23.09
C LEU B 52 -20.43 10.22 -22.07
N ALA B 53 -20.93 11.53 -22.37
CA ALA B 53 -20.84 12.62 -21.40
C ALA B 53 -22.22 13.24 -21.24
N LEU B 54 -22.36 13.90 -20.12
CA LEU B 54 -23.47 14.74 -19.79
C LEU B 54 -22.99 16.15 -19.59
N VAL B 55 -23.13 16.88 -20.60
CA VAL B 55 -22.71 18.27 -20.68
C VAL B 55 -23.79 19.16 -20.03
N THR B 56 -23.42 20.00 -19.02
CA THR B 56 -24.31 20.99 -18.40
C THR B 56 -24.56 22.14 -19.39
N VAL B 57 -25.93 22.36 -19.75
CA VAL B 57 -26.34 23.47 -20.62
C VAL B 57 -26.48 24.78 -19.81
N ASP B 58 -27.18 24.73 -18.70
CA ASP B 58 -27.38 25.84 -17.77
C ASP B 58 -27.66 25.31 -16.35
N CYS B 59 -27.60 26.20 -15.28
CA CYS B 59 -28.01 25.93 -13.92
C CYS B 59 -28.50 27.22 -13.28
N HIS B 60 -29.27 27.03 -12.31
CA HIS B 60 -29.85 28.16 -11.58
C HIS B 60 -30.06 27.74 -10.14
N ALA B 61 -29.99 28.72 -9.21
CA ALA B 61 -30.26 28.54 -7.78
C ALA B 61 -30.96 29.80 -7.20
N ASP B 62 -31.87 29.62 -6.24
CA ASP B 62 -32.50 30.72 -5.51
C ASP B 62 -32.32 30.47 -4.03
N PHE B 63 -32.04 31.52 -3.39
CA PHE B 63 -31.68 31.29 -2.01
C PHE B 63 -32.65 32.01 -1.03
N TYR B 64 -33.25 31.21 -0.04
CA TYR B 64 -34.34 31.68 0.83
C TYR B 64 -33.97 31.77 2.31
N ALA B 65 -33.20 30.80 2.82
CA ALA B 65 -32.80 30.71 4.23
C ALA B 65 -31.36 30.30 4.36
N GLU B 66 -30.71 30.78 5.43
CA GLU B 66 -29.31 30.48 5.68
C GLU B 66 -29.08 29.08 6.25
N GLY B 67 -28.14 28.35 5.63
CA GLY B 67 -27.63 27.10 6.16
C GLY B 67 -26.51 27.37 7.14
N SER B 68 -26.05 26.33 7.82
CA SER B 68 -24.95 26.43 8.78
C SER B 68 -24.16 25.14 8.87
N ALA B 69 -23.05 25.22 9.18
CA ALA B 69 -22.22 24.03 9.38
C ALA B 69 -22.94 23.04 10.29
N PHE B 70 -22.94 21.76 9.86
CA PHE B 70 -23.55 20.59 10.49
C PHE B 70 -25.05 20.37 10.19
N ASP B 71 -25.69 21.45 9.52
CA ASP B 71 -27.05 21.22 9.03
C ASP B 71 -27.11 20.01 8.12
N GLU B 72 -28.10 19.22 8.19
CA GLU B 72 -28.35 18.03 7.37
C GLU B 72 -29.31 18.50 6.32
N VAL B 73 -28.82 18.69 5.12
CA VAL B 73 -29.58 19.18 3.96
C VAL B 73 -30.04 18.00 3.10
N GLU B 74 -31.26 17.96 2.68
CA GLU B 74 -31.78 17.11 1.61
C GLU B 74 -31.81 17.88 0.30
N VAL B 75 -31.04 17.29 -0.58
CA VAL B 75 -31.10 17.79 -1.95
C VAL B 75 -32.10 16.87 -2.68
N ARG B 76 -33.34 17.33 -2.78
CA ARG B 76 -34.45 16.57 -3.32
C ARG B 76 -34.59 16.92 -4.80
N MET B 77 -34.50 15.94 -5.80
CA MET B 77 -34.49 16.17 -7.23
C MET B 77 -35.75 15.63 -7.92
N MET B 78 -36.35 16.40 -8.89
CA MET B 78 -37.51 16.06 -9.72
C MET B 78 -37.21 16.26 -11.18
N LEU B 79 -37.85 15.60 -11.97
CA LEU B 79 -37.72 15.72 -13.42
C LEU B 79 -38.72 16.73 -13.99
N ASP B 80 -38.14 17.73 -14.49
CA ASP B 80 -38.96 18.74 -15.13
C ASP B 80 -39.31 18.31 -16.56
N ARG B 81 -38.35 18.18 -17.49
CA ARG B 81 -38.48 17.92 -18.91
C ARG B 81 -37.48 16.87 -19.41
N LEU B 82 -37.90 15.85 -20.21
CA LEU B 82 -37.05 14.95 -20.99
C LEU B 82 -37.37 15.16 -22.46
N ASP B 83 -36.45 15.96 -23.32
CA ASP B 83 -36.70 16.49 -24.67
C ASP B 83 -35.57 16.07 -25.64
N GLY B 84 -35.62 14.80 -25.99
CA GLY B 84 -34.73 14.19 -26.98
C GLY B 84 -33.39 13.83 -26.42
N HIS B 85 -32.40 14.73 -26.60
CA HIS B 85 -31.07 14.55 -26.08
C HIS B 85 -30.89 15.34 -24.80
N ARG B 86 -31.92 15.95 -24.28
CA ARG B 86 -31.85 16.89 -23.15
C ARG B 86 -32.57 16.37 -21.92
N ILE B 87 -32.25 16.93 -20.73
CA ILE B 87 -32.85 16.63 -19.40
C ILE B 87 -32.89 17.91 -18.50
N ALA B 88 -34.07 18.26 -17.98
CA ALA B 88 -34.21 19.41 -17.08
C ALA B 88 -34.64 18.87 -15.73
N MET B 89 -33.85 19.20 -14.71
CA MET B 89 -34.12 18.78 -13.32
C MET B 89 -34.34 20.02 -12.48
N SER B 90 -35.20 19.91 -11.45
CA SER B 90 -35.30 20.92 -10.40
C SER B 90 -34.89 20.35 -9.03
N PHE B 91 -34.52 21.19 -8.13
CA PHE B 91 -33.97 20.80 -6.83
C PHE B 91 -34.59 21.61 -5.69
N ASP B 92 -34.98 21.04 -4.57
CA ASP B 92 -35.34 21.62 -3.30
C ASP B 92 -34.32 21.27 -2.28
N TYR B 93 -33.64 22.18 -1.71
CA TYR B 93 -32.64 22.06 -0.65
C TYR B 93 -33.41 22.30 0.67
N VAL B 94 -33.68 21.19 1.48
CA VAL B 94 -34.42 21.25 2.74
C VAL B 94 -33.50 20.85 3.88
N ARG B 95 -33.35 21.85 4.84
CA ARG B 95 -32.68 21.47 6.07
C ARG B 95 -33.65 20.62 6.88
N VAL B 96 -33.21 19.28 7.34
CA VAL B 96 -34.06 18.32 8.07
C VAL B 96 -33.64 18.13 9.51
N ALA B 97 -32.47 18.65 9.71
CA ALA B 97 -31.91 18.71 11.05
C ALA B 97 -30.79 19.76 11.05
N PRO B 98 -30.65 20.57 12.12
CA PRO B 98 -31.51 20.64 13.30
C PRO B 98 -32.77 21.44 13.04
N GLY B 99 -33.70 21.56 14.06
CA GLY B 99 -34.93 22.33 14.10
C GLY B 99 -35.93 21.99 13.01
N PRO B 100 -37.01 22.70 12.69
CA PRO B 100 -38.10 22.39 11.75
C PRO B 100 -37.61 22.32 10.32
N PRO B 101 -38.10 21.36 9.50
CA PRO B 101 -37.68 21.35 8.09
C PRO B 101 -37.81 22.75 7.53
N THR B 102 -36.72 23.25 6.90
CA THR B 102 -36.67 24.61 6.35
C THR B 102 -36.18 24.59 4.92
N LEU B 103 -36.92 25.23 4.01
CA LEU B 103 -36.47 25.38 2.62
C LEU B 103 -35.37 26.42 2.60
N LEU B 104 -34.20 26.04 2.27
CA LEU B 104 -33.03 26.92 2.22
C LEU B 104 -32.92 27.56 0.85
N ALA B 105 -32.98 26.74 -0.24
CA ALA B 105 -32.89 27.20 -1.60
C ALA B 105 -33.67 26.30 -2.53
N GLN B 106 -33.80 26.76 -3.83
CA GLN B 106 -34.33 25.97 -4.96
C GLN B 106 -33.40 26.18 -6.15
N GLY B 107 -33.21 25.00 -6.82
CA GLY B 107 -32.34 25.05 -7.98
C GLY B 107 -32.91 24.36 -9.20
N ARG B 108 -32.39 24.70 -10.37
CA ARG B 108 -32.70 23.97 -11.61
C ARG B 108 -31.41 23.67 -12.36
N GLN B 109 -31.38 22.69 -13.31
CA GLN B 109 -30.22 22.36 -14.14
C GLN B 109 -30.66 21.64 -15.41
N THR B 110 -29.99 22.00 -16.57
CA THR B 110 -30.23 21.34 -17.86
C THR B 110 -28.96 20.64 -18.27
N VAL B 111 -29.06 19.33 -18.70
CA VAL B 111 -27.99 18.41 -19.09
C VAL B 111 -28.20 18.02 -20.56
N ALA B 112 -27.15 17.78 -21.20
CA ALA B 112 -27.28 17.24 -22.56
C ALA B 112 -26.48 15.97 -22.69
N CYS B 113 -27.02 14.99 -23.44
CA CYS B 113 -26.35 13.69 -23.58
C CYS B 113 -25.49 13.75 -24.83
N MET B 114 -24.15 13.70 -24.62
CA MET B 114 -23.16 13.85 -25.68
C MET B 114 -22.18 12.67 -25.72
N ARG B 115 -21.81 12.25 -26.93
CA ARG B 115 -20.83 11.20 -27.17
C ARG B 115 -19.73 11.71 -28.09
N ARG B 116 -18.52 11.23 -27.89
CA ARG B 116 -17.40 11.63 -28.73
C ARG B 116 -17.15 10.64 -29.87
N ALA B 117 -17.13 11.16 -31.10
CA ALA B 117 -16.67 10.44 -32.29
C ALA B 117 -15.45 11.20 -32.83
N GLY B 118 -14.27 10.56 -32.78
CA GLY B 118 -12.98 11.18 -33.08
C GLY B 118 -12.62 12.29 -32.10
N HIS B 119 -12.91 13.54 -32.50
CA HIS B 119 -12.85 14.75 -31.64
C HIS B 119 -14.02 15.74 -31.91
N GLY B 120 -15.23 15.18 -31.96
CA GLY B 120 -16.47 15.93 -32.19
C GLY B 120 -17.60 15.43 -31.33
N LEU B 121 -18.16 16.34 -30.49
CA LEU B 121 -19.30 16.05 -29.62
C LEU B 121 -20.58 16.01 -30.45
N GLU B 122 -21.24 14.86 -30.43
CA GLU B 122 -22.52 14.70 -31.09
C GLU B 122 -23.64 14.51 -30.04
N PRO B 123 -24.87 15.01 -30.28
CA PRO B 123 -25.97 14.74 -29.34
C PRO B 123 -26.50 13.31 -29.49
N VAL B 124 -26.51 12.69 -28.42
CA VAL B 124 -27.06 11.34 -28.38
C VAL B 124 -28.34 11.32 -27.58
N GLU B 125 -29.36 10.55 -28.15
CA GLU B 125 -30.63 10.37 -27.43
C GLU B 125 -30.35 9.78 -26.05
N VAL B 126 -31.19 10.30 -25.10
CA VAL B 126 -31.06 9.97 -23.66
C VAL B 126 -31.04 8.44 -23.50
N PRO B 127 -30.01 7.78 -22.88
CA PRO B 127 -29.98 6.30 -22.81
C PRO B 127 -31.24 5.71 -22.19
N ALA B 128 -31.57 4.49 -22.66
CA ALA B 128 -32.85 3.88 -22.25
C ALA B 128 -32.99 3.80 -20.73
N GLU B 129 -31.90 3.35 -20.05
CA GLU B 129 -31.85 3.06 -18.62
C GLU B 129 -32.04 4.30 -17.78
N LEU B 130 -31.45 5.49 -18.18
CA LEU B 130 -31.61 6.79 -17.53
C LEU B 130 -32.99 7.46 -17.82
N ARG B 131 -33.40 7.37 -19.07
CA ARG B 131 -34.76 7.81 -19.46
C ARG B 131 -35.82 7.14 -18.52
N ARG B 132 -35.74 5.80 -18.27
CA ARG B 132 -36.68 5.06 -17.41
C ARG B 132 -36.57 5.38 -15.89
N ALA B 133 -35.34 5.70 -15.43
CA ALA B 133 -34.99 5.91 -14.02
C ALA B 133 -35.49 7.27 -13.56
N LEU B 134 -35.13 8.34 -14.31
CA LEU B 134 -35.66 9.70 -14.22
C LEU B 134 -37.19 9.77 -14.24
N SER B 135 -37.85 8.92 -15.03
CA SER B 135 -39.31 8.93 -15.24
C SER B 135 -40.14 8.67 -13.98
N ARG B 136 -39.74 7.86 -13.20
CA ARG B 136 -40.33 7.62 -11.89
C ARG B 136 -40.45 8.90 -11.01
N TYR B 137 -39.82 10.05 -11.37
CA TYR B 137 -39.75 11.27 -10.56
C TYR B 137 -40.39 12.50 -11.29
N ALA B 138 -41.04 12.08 -12.18
CA ALA B 138 -41.80 13.08 -12.94
C ALA B 138 -42.95 13.66 -12.09
N VAL B 139 -43.31 14.90 -12.37
CA VAL B 139 -44.48 15.56 -11.77
C VAL B 139 -45.89 14.80 -12.12
N VAL B 140 -46.71 14.43 -11.08
CA VAL B 140 -48.11 13.90 -11.23
C VAL B 140 -49.02 15.09 -10.88
N ALA B 141 -50.25 15.11 -11.43
CA ALA B 141 -51.20 16.21 -11.22
C ALA B 141 -52.49 15.73 -10.57
N ASP C 1 17.05 32.36 -4.55
CA ASP C 1 15.93 32.79 -5.38
C ASP C 1 14.87 31.70 -5.57
N SER C 2 13.62 32.12 -5.74
CA SER C 2 12.46 31.22 -5.73
C SER C 2 11.50 31.60 -6.84
N TYR C 3 10.65 30.66 -7.25
CA TYR C 3 9.59 30.91 -8.21
C TYR C 3 8.36 31.48 -7.48
N VAL C 4 7.71 32.70 -8.04
CA VAL C 4 6.60 33.39 -7.35
C VAL C 4 5.26 33.24 -8.06
N HIS C 5 4.44 32.50 -7.25
CA HIS C 5 3.03 32.40 -7.67
C HIS C 5 2.17 33.26 -6.74
N ARG C 6 1.47 34.31 -7.35
CA ARG C 6 0.63 35.24 -6.61
C ARG C 6 -0.76 34.68 -6.46
N HIS C 7 -1.34 34.73 -5.26
CA HIS C 7 -2.74 34.35 -5.02
C HIS C 7 -3.44 35.38 -4.15
N VAL C 8 -4.66 35.87 -4.61
CA VAL C 8 -5.46 36.76 -3.76
C VAL C 8 -6.59 35.95 -3.10
N VAL C 9 -6.70 35.75 -1.80
CA VAL C 9 -7.67 34.97 -1.00
C VAL C 9 -9.09 35.47 -1.25
N THR C 10 -9.86 34.52 -1.58
CA THR C 10 -11.27 34.75 -1.88
C THR C 10 -12.18 34.29 -0.70
N PHE C 11 -13.36 34.70 -0.56
CA PHE C 11 -14.27 34.37 0.55
C PHE C 11 -14.61 32.91 0.68
N ASP C 12 -14.69 32.19 -0.45
CA ASP C 12 -14.96 30.74 -0.46
C ASP C 12 -13.82 29.90 0.14
N GLU C 13 -12.63 30.53 0.36
CA GLU C 13 -11.43 29.97 0.99
C GLU C 13 -11.36 30.22 2.53
N THR C 14 -12.25 31.09 3.06
CA THR C 14 -12.37 31.42 4.47
C THR C 14 -13.55 30.67 5.11
N ASN C 15 -13.35 30.12 6.32
CA ASN C 15 -14.39 29.49 7.14
C ASN C 15 -14.97 30.48 8.18
N LEU C 16 -15.94 30.03 9.03
CA LEU C 16 -16.62 30.93 10.00
C LEU C 16 -15.74 31.58 11.06
N VAL C 17 -14.69 31.25 11.30
CA VAL C 17 -13.65 31.80 12.17
C VAL C 17 -13.06 33.12 11.59
N GLY C 18 -12.93 32.98 10.26
CA GLY C 18 -12.53 34.19 9.54
C GLY C 18 -11.24 34.03 8.78
N ASN C 19 -10.61 33.06 8.95
CA ASN C 19 -9.30 32.78 8.42
C ASN C 19 -9.38 31.80 7.27
N VAL C 20 -8.28 31.61 6.50
CA VAL C 20 -8.22 30.65 5.39
C VAL C 20 -8.33 29.19 5.93
N TYR C 21 -9.40 28.39 5.44
CA TYR C 21 -9.48 26.95 5.71
C TYR C 21 -8.16 26.27 5.28
N PHE C 22 -7.63 25.37 6.14
CA PHE C 22 -6.32 24.78 5.91
C PHE C 22 -6.13 24.16 4.52
N ALA C 23 -7.11 23.40 3.96
CA ALA C 23 -6.96 22.58 2.75
C ALA C 23 -6.61 23.39 1.50
N HIS C 24 -7.04 24.67 1.48
CA HIS C 24 -6.77 25.59 0.39
C HIS C 24 -5.30 25.79 0.15
N TYR C 25 -4.47 25.79 1.23
CA TYR C 25 -3.02 25.98 1.09
C TYR C 25 -2.38 24.89 0.21
N LEU C 26 -2.86 23.59 0.10
CA LEU C 26 -2.41 22.47 -0.73
C LEU C 26 -2.76 22.65 -2.23
N HIS C 27 -4.03 23.07 -2.53
CA HIS C 27 -4.42 23.53 -3.86
C HIS C 27 -3.39 24.55 -4.46
N TRP C 28 -2.94 25.53 -3.66
CA TRP C 28 -2.02 26.60 -4.10
C TRP C 28 -0.66 26.05 -4.55
N GLN C 29 -0.21 25.03 -3.83
CA GLN C 29 1.01 24.30 -4.24
C GLN C 29 0.85 23.75 -5.65
N GLY C 30 -0.41 23.16 -5.96
CA GLY C 30 -0.81 22.66 -7.25
C GLY C 30 -0.81 23.76 -8.28
N HIS C 31 -1.43 24.93 -7.95
CA HIS C 31 -1.46 26.11 -8.82
C HIS C 31 -0.04 26.65 -9.13
N CYS C 32 0.83 26.58 -8.12
CA CYS C 32 2.20 27.06 -8.22
C CYS C 32 3.02 26.21 -9.19
N ARG C 33 3.07 24.85 -9.02
CA ARG C 33 3.78 23.93 -9.93
C ARG C 33 3.24 24.00 -11.35
N GLU C 34 1.81 24.12 -11.56
CA GLU C 34 1.15 24.29 -12.84
C GLU C 34 1.58 25.62 -13.51
N HIS C 35 1.43 26.75 -12.80
CA HIS C 35 1.87 28.08 -13.24
C HIS C 35 3.39 28.10 -13.60
N PHE C 36 4.22 27.42 -12.83
CA PHE C 36 5.63 27.21 -13.17
C PHE C 36 5.82 26.56 -14.53
N LEU C 37 5.10 25.46 -14.84
CA LEU C 37 5.15 24.81 -16.16
C LEU C 37 4.72 25.70 -17.30
N ALA C 38 3.68 26.48 -17.18
CA ALA C 38 3.20 27.47 -18.15
C ALA C 38 4.28 28.48 -18.51
N ASP C 39 5.05 28.93 -17.51
CA ASP C 39 6.06 29.97 -17.65
C ASP C 39 7.41 29.47 -18.17
N HIS C 40 7.84 28.44 -17.66
CA HIS C 40 9.24 28.01 -17.79
C HIS C 40 9.49 26.63 -18.43
N ALA C 41 8.39 25.80 -18.60
CA ALA C 41 8.49 24.51 -19.32
C ALA C 41 7.23 24.21 -20.17
N PRO C 42 6.90 25.02 -21.26
CA PRO C 42 5.61 24.88 -21.95
C PRO C 42 5.47 23.66 -22.88
N GLY C 43 6.60 22.95 -23.07
CA GLY C 43 6.61 21.69 -23.81
C GLY C 43 6.09 20.52 -22.99
N VAL C 44 6.49 20.55 -21.77
CA VAL C 44 6.09 19.53 -20.79
C VAL C 44 4.56 19.60 -20.62
N MET C 45 4.06 20.85 -20.54
CA MET C 45 2.65 21.25 -20.44
C MET C 45 1.82 20.59 -21.56
N ALA C 46 2.35 20.63 -22.68
CA ALA C 46 1.75 20.02 -23.87
C ALA C 46 1.84 18.49 -23.82
N ALA C 47 2.94 17.95 -23.26
CA ALA C 47 3.19 16.51 -23.12
C ALA C 47 2.29 15.82 -22.08
N LEU C 48 1.54 16.77 -21.56
CA LEU C 48 0.65 16.18 -20.58
C LEU C 48 -0.66 15.79 -21.22
N ALA C 49 -0.98 16.33 -21.99
CA ALA C 49 -2.14 15.97 -22.81
C ALA C 49 -1.96 14.62 -23.51
N ASP C 50 -0.71 14.16 -23.67
CA ASP C 50 -0.41 12.90 -24.38
C ASP C 50 0.66 12.04 -23.70
N GLY C 51 0.23 11.29 -22.70
CA GLY C 51 1.05 10.25 -22.07
C GLY C 51 1.59 10.57 -20.69
N LEU C 52 2.25 11.68 -20.72
CA LEU C 52 2.95 12.09 -19.51
C LEU C 52 2.03 12.59 -18.36
N ALA C 53 2.24 12.02 -17.15
CA ALA C 53 1.57 12.45 -15.93
C ALA C 53 2.56 12.70 -14.78
N LEU C 54 2.35 13.78 -14.06
CA LEU C 54 3.09 14.12 -12.85
C LEU C 54 2.34 13.68 -11.60
N VAL C 55 2.66 12.51 -11.10
CA VAL C 55 1.97 11.87 -9.97
C VAL C 55 2.53 12.45 -8.64
N THR C 56 1.65 12.93 -7.74
CA THR C 56 2.06 13.37 -6.39
C THR C 56 2.33 12.16 -5.49
N VAL C 57 3.49 12.05 -4.77
CA VAL C 57 3.93 10.96 -3.89
C VAL C 57 3.52 11.29 -2.42
N ASP C 58 3.78 12.52 -1.98
CA ASP C 58 3.44 13.04 -0.69
C ASP C 58 3.37 14.56 -0.72
N CYS C 59 2.77 15.14 0.33
CA CYS C 59 2.71 16.58 0.52
C CYS C 59 2.64 16.86 1.99
N HIS C 60 3.13 18.04 2.38
CA HIS C 60 3.18 18.47 3.77
C HIS C 60 2.98 19.96 3.82
N ALA C 61 2.35 20.45 4.88
CA ALA C 61 2.18 21.87 5.19
C ALA C 61 2.30 22.12 6.72
N ASP C 62 2.89 23.28 7.10
CA ASP C 62 2.92 23.74 8.49
C ASP C 62 2.34 25.14 8.50
N PHE C 63 1.47 25.45 9.47
CA PHE C 63 0.70 26.69 9.50
C PHE C 63 1.05 27.53 10.75
N TYR C 64 1.55 28.78 10.39
CA TYR C 64 2.12 29.69 11.41
C TYR C 64 1.24 30.91 11.71
N ALA C 65 0.62 31.50 10.69
CA ALA C 65 -0.16 32.73 10.82
C ALA C 65 -1.43 32.66 10.02
N GLU C 66 -2.47 33.34 10.51
CA GLU C 66 -3.76 33.31 9.87
C GLU C 66 -3.90 34.25 8.71
N GLY C 67 -4.34 33.71 7.60
CA GLY C 67 -4.70 34.49 6.42
C GLY C 67 -6.11 35.06 6.57
N SER C 68 -6.49 35.96 5.67
CA SER C 68 -7.83 36.53 5.66
C SER C 68 -8.26 36.85 4.22
N ALA C 69 -9.47 36.85 4.07
CA ALA C 69 -10.03 37.23 2.77
C ALA C 69 -9.41 38.53 2.31
N PHE C 70 -8.95 38.63 0.94
CA PHE C 70 -8.32 39.74 0.22
C PHE C 70 -6.81 39.88 0.41
N ASP C 71 -6.22 39.02 1.41
CA ASP C 71 -4.75 38.96 1.52
C ASP C 71 -4.10 38.55 0.18
N GLU C 72 -2.96 39.18 -0.14
CA GLU C 72 -2.19 38.89 -1.34
C GLU C 72 -1.08 38.00 -0.88
N VAL C 73 -1.18 36.72 -1.19
CA VAL C 73 -0.22 35.68 -0.78
C VAL C 73 0.76 35.38 -1.92
N GLU C 74 2.06 35.28 -1.58
CA GLU C 74 3.07 34.74 -2.48
C GLU C 74 3.37 33.29 -2.10
N VAL C 75 3.21 32.39 -3.06
CA VAL C 75 3.58 30.99 -2.91
C VAL C 75 4.94 30.86 -3.61
N ARG C 76 6.00 30.90 -2.81
CA ARG C 76 7.39 30.94 -3.29
C ARG C 76 7.93 29.51 -3.30
N MET C 77 8.35 29.04 -4.47
CA MET C 77 8.74 27.65 -4.61
C MET C 77 10.23 27.49 -4.88
N MET C 78 10.85 26.51 -4.19
CA MET C 78 12.25 26.16 -4.35
C MET C 78 12.42 24.69 -4.60
N LEU C 79 13.54 24.30 -5.25
CA LEU C 79 13.85 22.91 -5.57
C LEU C 79 14.71 22.32 -4.48
N ASP C 80 14.18 21.31 -3.78
CA ASP C 80 14.92 20.56 -2.78
C ASP C 80 15.83 19.49 -3.40
N ARG C 81 15.26 18.58 -4.16
CA ARG C 81 16.01 17.51 -4.78
C ARG C 81 15.46 17.02 -6.10
N LEU C 82 16.35 16.57 -6.98
CA LEU C 82 16.03 15.96 -8.26
C LEU C 82 16.67 14.55 -8.33
N ASP C 83 15.83 13.51 -8.22
CA ASP C 83 16.29 12.14 -7.95
C ASP C 83 15.72 11.08 -8.94
N GLY C 84 16.40 10.91 -10.08
CA GLY C 84 15.98 10.01 -11.16
C GLY C 84 14.71 10.48 -11.85
N HIS C 85 13.53 9.89 -11.47
CA HIS C 85 12.18 10.20 -11.99
C HIS C 85 11.38 11.13 -11.03
N ARG C 86 11.98 11.51 -9.91
CA ARG C 86 11.34 12.28 -8.85
C ARG C 86 11.83 13.71 -8.64
N ILE C 87 10.95 14.56 -8.12
CA ILE C 87 11.20 15.99 -7.86
C ILE C 87 10.64 16.35 -6.47
N ALA C 88 11.47 16.97 -5.61
CA ALA C 88 11.05 17.44 -4.30
C ALA C 88 11.08 18.95 -4.29
N MET C 89 9.78 19.67 -4.02
CA MET C 89 9.66 21.13 -3.98
C MET C 89 9.29 21.56 -2.58
N SER C 90 9.74 22.74 -2.17
CA SER C 90 9.25 23.38 -0.96
C SER C 90 8.57 24.70 -1.26
N PHE C 91 7.86 25.10 -0.33
CA PHE C 91 7.03 26.27 -0.52
C PHE C 91 7.07 27.17 0.69
N ASP C 92 7.04 28.50 0.45
CA ASP C 92 6.84 29.53 1.46
C ASP C 92 5.62 30.33 1.08
N TYR C 93 4.67 30.47 2.00
CA TYR C 93 3.44 31.24 1.84
C TYR C 93 3.62 32.54 2.62
N VAL C 94 3.88 33.65 1.91
CA VAL C 94 4.14 34.96 2.50
C VAL C 94 3.03 35.93 2.13
N ARG C 95 2.37 36.54 3.15
CA ARG C 95 1.40 37.59 2.86
C ARG C 95 2.16 38.88 2.63
N VAL C 96 2.02 39.45 1.42
CA VAL C 96 2.76 40.66 0.99
C VAL C 96 1.92 41.95 1.07
N ALA C 97 0.61 41.77 1.17
CA ALA C 97 -0.38 42.84 1.38
C ALA C 97 -1.63 42.20 1.98
N PRO C 98 -2.33 42.89 2.92
CA PRO C 98 -1.95 44.17 3.55
C PRO C 98 -0.92 43.97 4.66
N GLY C 99 -0.42 45.22 5.02
CA GLY C 99 0.53 45.25 6.13
C GLY C 99 1.90 44.65 5.84
N PRO C 100 2.68 44.35 6.90
CA PRO C 100 4.05 43.83 6.69
C PRO C 100 4.06 42.42 6.09
N PRO C 101 5.13 42.06 5.34
CA PRO C 101 5.22 40.67 4.86
C PRO C 101 5.21 39.72 6.04
N THR C 102 4.41 38.59 6.04
CA THR C 102 4.24 37.64 7.14
C THR C 102 4.27 36.20 6.62
N LEU C 103 5.11 35.34 7.23
CA LEU C 103 5.12 33.93 6.88
C LEU C 103 3.88 33.28 7.50
N LEU C 104 2.92 32.94 6.63
CA LEU C 104 1.67 32.33 7.04
C LEU C 104 1.92 30.85 7.26
N ALA C 105 2.77 30.21 6.43
CA ALA C 105 2.86 28.75 6.39
C ALA C 105 4.04 28.29 5.52
N GLN C 106 4.48 27.17 5.78
CA GLN C 106 5.50 26.51 4.93
C GLN C 106 4.90 25.25 4.27
N GLY C 107 5.50 24.80 3.06
CA GLY C 107 5.01 23.60 2.36
C GLY C 107 6.06 22.71 1.74
N ARG C 108 5.76 21.48 1.61
CA ARG C 108 6.63 20.64 0.76
C ARG C 108 5.76 19.73 -0.12
N GLN C 109 6.36 19.12 -1.20
CA GLN C 109 5.68 18.18 -2.07
C GLN C 109 6.70 17.36 -2.87
N THR C 110 6.41 16.02 -3.10
CA THR C 110 7.21 15.12 -3.95
C THR C 110 6.36 14.66 -5.10
N VAL C 111 6.86 14.81 -6.32
CA VAL C 111 6.16 14.47 -7.54
C VAL C 111 7.00 13.44 -8.31
N ALA C 112 6.37 12.34 -8.73
CA ALA C 112 6.95 11.35 -9.69
C ALA C 112 6.43 11.53 -11.16
N CYS C 113 7.48 11.66 -11.94
CA CYS C 113 7.19 11.73 -13.36
C CYS C 113 6.81 10.37 -13.90
N MET C 114 5.72 10.34 -14.65
CA MET C 114 5.10 9.11 -15.13
C MET C 114 4.42 9.24 -16.47
N ARG C 115 4.89 8.46 -17.43
CA ARG C 115 4.16 8.16 -18.67
C ARG C 115 3.82 6.67 -18.70
N ARG C 116 2.64 6.33 -19.24
CA ARG C 116 2.19 4.95 -19.46
C ARG C 116 3.13 4.20 -20.45
N ALA C 117 3.22 2.84 -20.36
CA ALA C 117 3.99 2.01 -21.29
C ALA C 117 3.33 0.65 -21.63
N GLY C 118 2.53 0.14 -20.69
CA GLY C 118 1.67 -1.03 -20.87
C GLY C 118 0.35 -0.85 -20.14
N HIS C 119 -0.21 -1.96 -19.59
CA HIS C 119 -1.40 -1.91 -18.73
C HIS C 119 -0.98 -1.44 -17.32
N GLY C 120 -0.41 -0.23 -17.24
CA GLY C 120 0.10 0.33 -16.00
C GLY C 120 0.96 1.56 -16.12
N LEU C 121 1.03 2.35 -15.01
CA LEU C 121 1.79 3.59 -14.83
C LEU C 121 3.28 3.23 -14.62
N GLU C 122 4.18 3.82 -15.45
CA GLU C 122 5.61 3.45 -15.49
C GLU C 122 6.56 4.63 -15.27
N PRO C 123 7.63 4.48 -14.44
CA PRO C 123 8.49 5.63 -14.16
C PRO C 123 9.43 5.95 -15.31
N VAL C 124 9.13 7.08 -15.96
CA VAL C 124 9.98 7.73 -16.95
C VAL C 124 10.73 8.82 -16.17
N GLU C 125 11.99 9.11 -16.56
CA GLU C 125 12.85 10.13 -15.96
C GLU C 125 12.23 11.55 -16.11
N VAL C 126 12.86 12.56 -15.51
CA VAL C 126 12.35 13.92 -15.60
C VAL C 126 12.63 14.47 -17.01
N PRO C 127 11.61 14.96 -17.77
CA PRO C 127 11.89 15.50 -19.14
C PRO C 127 13.01 16.52 -19.19
N ALA C 128 13.84 16.45 -20.25
CA ALA C 128 15.01 17.32 -20.40
C ALA C 128 14.72 18.78 -20.01
N GLU C 129 13.64 19.36 -20.58
CA GLU C 129 13.18 20.74 -20.39
C GLU C 129 12.84 21.09 -18.92
N LEU C 130 12.25 20.12 -18.20
CA LEU C 130 11.83 20.20 -16.80
C LEU C 130 13.04 20.00 -15.90
N ARG C 131 13.97 19.15 -16.31
CA ARG C 131 15.22 18.99 -15.62
C ARG C 131 16.00 20.31 -15.71
N ARG C 132 16.00 20.94 -16.93
CA ARG C 132 16.66 22.22 -17.23
C ARG C 132 16.08 23.38 -16.39
N ALA C 133 14.73 23.43 -16.29
CA ALA C 133 13.98 24.54 -15.71
C ALA C 133 14.07 24.58 -14.18
N LEU C 134 13.90 23.42 -13.50
CA LEU C 134 13.97 23.34 -12.04
C LEU C 134 15.33 23.85 -11.51
N SER C 135 16.41 23.62 -12.29
CA SER C 135 17.78 24.08 -12.05
C SER C 135 17.89 25.61 -11.92
N ARG C 136 17.04 26.36 -12.65
CA ARG C 136 17.01 27.82 -12.64
C ARG C 136 16.46 28.32 -11.31
N ASP D 1 -19.21 49.33 -21.07
CA ASP D 1 -17.93 48.93 -20.43
C ASP D 1 -18.21 47.85 -19.40
N SER D 2 -17.21 47.01 -19.09
CA SER D 2 -17.36 45.94 -18.11
C SER D 2 -16.17 45.88 -17.19
N TYR D 3 -16.38 45.31 -15.99
CA TYR D 3 -15.30 45.07 -15.03
C TYR D 3 -14.66 43.74 -15.34
N VAL D 4 -13.34 43.73 -15.60
CA VAL D 4 -12.61 42.52 -16.02
C VAL D 4 -11.84 41.87 -14.88
N HIS D 5 -12.31 40.70 -14.44
CA HIS D 5 -11.64 39.80 -13.50
C HIS D 5 -11.00 38.66 -14.30
N ARG D 6 -9.69 38.54 -14.20
CA ARG D 6 -8.91 37.54 -14.91
C ARG D 6 -8.81 36.27 -14.06
N HIS D 7 -9.01 35.11 -14.69
CA HIS D 7 -8.83 33.83 -14.05
C HIS D 7 -8.06 32.89 -14.97
N VAL D 8 -7.10 32.15 -14.42
CA VAL D 8 -6.40 31.12 -15.17
C VAL D 8 -6.84 29.77 -14.63
N VAL D 9 -7.47 28.95 -15.50
CA VAL D 9 -8.01 27.62 -15.18
C VAL D 9 -6.90 26.69 -14.70
N THR D 10 -7.10 26.11 -13.50
CA THR D 10 -6.18 25.21 -12.80
C THR D 10 -6.65 23.76 -12.93
N PHE D 11 -5.79 22.77 -12.66
CA PHE D 11 -6.14 21.35 -12.78
C PHE D 11 -7.24 20.84 -11.86
N ASP D 12 -7.32 21.39 -10.65
CA ASP D 12 -8.35 21.05 -9.68
C ASP D 12 -9.76 21.49 -10.09
N GLU D 13 -9.86 22.37 -11.13
CA GLU D 13 -11.10 22.87 -11.75
C GLU D 13 -11.57 22.05 -12.95
N THR D 14 -10.70 21.12 -13.45
CA THR D 14 -10.97 20.23 -14.59
C THR D 14 -11.40 18.86 -14.11
N ASN D 15 -12.53 18.37 -14.71
CA ASN D 15 -13.19 17.05 -14.55
C ASN D 15 -12.52 15.96 -15.46
N LEU D 16 -12.79 14.73 -15.24
CA LEU D 16 -12.13 13.68 -16.03
C LEU D 16 -12.34 13.73 -17.55
N VAL D 17 -13.25 14.44 -18.04
CA VAL D 17 -13.56 14.75 -19.43
C VAL D 17 -12.48 15.69 -20.07
N GLY D 18 -11.94 16.57 -19.23
CA GLY D 18 -10.87 17.48 -19.64
C GLY D 18 -11.23 18.96 -19.62
N ASN D 19 -12.55 19.12 -19.31
CA ASN D 19 -13.06 20.49 -19.38
C ASN D 19 -13.39 20.97 -17.99
N VAL D 20 -13.63 22.24 -17.71
CA VAL D 20 -13.94 22.86 -16.42
C VAL D 20 -15.27 22.32 -15.87
N TYR D 21 -15.27 21.82 -14.60
CA TYR D 21 -16.50 21.41 -13.89
C TYR D 21 -17.44 22.61 -13.77
N PHE D 22 -18.73 22.40 -14.01
CA PHE D 22 -19.68 23.52 -14.11
C PHE D 22 -19.66 24.46 -12.90
N ALA D 23 -19.61 23.91 -11.66
CA ALA D 23 -19.84 24.70 -10.44
C ALA D 23 -18.80 25.78 -10.23
N HIS D 24 -17.61 25.58 -10.80
CA HIS D 24 -16.50 26.53 -10.76
C HIS D 24 -16.86 27.88 -11.33
N TYR D 25 -17.66 27.90 -12.36
CA TYR D 25 -18.06 29.14 -13.01
C TYR D 25 -18.81 30.04 -12.01
N LEU D 26 -19.47 29.44 -10.99
CA LEU D 26 -20.22 30.20 -10.00
C LEU D 26 -19.30 30.82 -8.96
N HIS D 27 -18.29 30.07 -8.50
CA HIS D 27 -17.16 30.56 -7.69
C HIS D 27 -16.54 31.81 -8.30
N TRP D 28 -16.34 31.83 -9.75
CA TRP D 28 -15.69 32.93 -10.47
C TRP D 28 -16.51 34.23 -10.42
N GLN D 29 -17.89 34.14 -10.40
CA GLN D 29 -18.81 35.28 -10.20
C GLN D 29 -18.56 35.93 -8.84
N GLY D 30 -18.45 35.16 -7.77
CA GLY D 30 -18.11 35.55 -6.42
C GLY D 30 -16.78 36.28 -6.40
N HIS D 31 -15.75 35.73 -7.09
CA HIS D 31 -14.41 36.34 -7.15
C HIS D 31 -14.47 37.71 -7.87
N CYS D 32 -15.21 37.75 -9.00
CA CYS D 32 -15.37 38.95 -9.80
C CYS D 32 -15.97 40.08 -8.95
N ARG D 33 -17.07 39.82 -8.20
CA ARG D 33 -17.73 40.82 -7.35
C ARG D 33 -16.84 41.25 -6.19
N GLU D 34 -16.11 40.29 -5.58
CA GLU D 34 -15.12 40.53 -4.51
C GLU D 34 -13.96 41.41 -5.02
N HIS D 35 -13.32 41.09 -6.08
CA HIS D 35 -12.24 41.83 -6.74
C HIS D 35 -12.71 43.26 -7.15
N PHE D 36 -13.96 43.28 -7.55
CA PHE D 36 -14.58 44.60 -7.78
C PHE D 36 -14.59 45.50 -6.55
N LEU D 37 -15.06 45.02 -5.49
CA LEU D 37 -15.06 45.81 -4.28
C LEU D 37 -13.66 46.19 -3.81
N ALA D 38 -12.73 45.30 -3.98
CA ALA D 38 -11.32 45.60 -3.70
C ALA D 38 -10.82 46.80 -4.50
N ASP D 39 -11.09 46.84 -5.65
CA ASP D 39 -10.62 47.84 -6.62
C ASP D 39 -11.36 49.18 -6.55
N HIS D 40 -12.71 49.15 -6.41
CA HIS D 40 -13.58 50.30 -6.67
C HIS D 40 -14.49 50.72 -5.50
N ALA D 41 -14.64 49.89 -4.45
CA ALA D 41 -15.41 50.23 -3.25
C ALA D 41 -14.75 49.68 -1.95
N PRO D 42 -13.49 50.10 -1.62
CA PRO D 42 -12.77 49.44 -0.52
C PRO D 42 -13.29 49.71 0.87
N GLY D 43 -14.15 50.71 1.03
CA GLY D 43 -14.81 51.01 2.29
C GLY D 43 -15.88 50.00 2.63
N VAL D 44 -16.60 49.53 1.60
CA VAL D 44 -17.65 48.53 1.70
C VAL D 44 -17.11 47.17 2.20
N MET D 45 -15.98 46.67 1.65
CA MET D 45 -15.44 45.38 2.07
C MET D 45 -14.77 45.40 3.44
N ALA D 46 -15.00 46.13 3.26
CA ALA D 46 -14.31 46.40 4.51
C ALA D 46 -15.31 46.37 5.66
N ALA D 47 -16.50 46.92 5.45
CA ALA D 47 -17.47 47.09 6.50
C ALA D 47 -18.00 45.74 6.86
N LEU D 48 -18.00 44.89 5.87
CA LEU D 48 -18.45 43.54 6.01
C LEU D 48 -17.92 42.93 7.28
N ALA D 49 -16.72 43.35 7.67
CA ALA D 49 -16.11 42.91 8.93
C ALA D 49 -16.75 43.57 10.17
N ASP D 50 -17.61 44.60 9.96
CA ASP D 50 -18.29 45.32 11.04
C ASP D 50 -19.75 45.60 10.68
N GLY D 51 -20.58 44.55 10.71
CA GLY D 51 -22.01 44.70 10.47
C GLY D 51 -22.70 44.26 9.20
N LEU D 52 -22.27 44.82 8.08
CA LEU D 52 -22.91 44.57 6.78
C LEU D 52 -22.73 43.16 6.18
N ALA D 53 -23.65 42.81 5.29
CA ALA D 53 -23.61 41.57 4.51
C ALA D 53 -24.12 41.73 3.07
N LEU D 54 -23.50 41.23 2.01
CA LEU D 54 -24.07 41.10 0.68
C LEU D 54 -24.60 39.67 0.47
N VAL D 55 -25.84 39.40 0.69
CA VAL D 55 -26.55 38.15 0.60
C VAL D 55 -26.84 37.85 -0.89
N THR D 56 -26.52 36.58 -1.22
CA THR D 56 -26.91 36.13 -2.56
C THR D 56 -28.41 35.72 -2.57
N VAL D 57 -29.18 36.33 -3.48
CA VAL D 57 -30.62 36.03 -3.65
C VAL D 57 -30.82 34.85 -4.64
N ASP D 58 -30.14 34.93 -5.79
CA ASP D 58 -30.12 33.93 -6.85
C ASP D 58 -28.85 34.01 -7.67
N CYS D 59 -28.57 32.97 -8.45
CA CYS D 59 -27.50 32.99 -9.45
C CYS D 59 -27.89 32.06 -10.59
N HIS D 60 -27.34 32.35 -11.78
CA HIS D 60 -27.59 31.62 -12.99
C HIS D 60 -26.32 31.59 -13.83
N ALA D 61 -26.13 30.51 -14.58
CA ALA D 61 -25.06 30.31 -15.56
C ALA D 61 -25.58 29.53 -16.82
N ASP D 62 -25.06 29.87 -18.02
CA ASP D 62 -25.34 29.15 -19.25
C ASP D 62 -24.00 28.79 -19.86
N PHE D 63 -23.84 27.55 -20.37
CA PHE D 63 -22.52 27.08 -20.79
C PHE D 63 -22.52 26.74 -22.29
N TYR D 64 -21.67 27.47 -23.07
CA TYR D 64 -21.63 27.43 -24.53
C TYR D 64 -20.47 26.66 -25.12
N ALA D 65 -19.27 26.85 -24.57
CA ALA D 65 -18.02 26.26 -25.05
C ALA D 65 -17.19 25.72 -23.91
N GLU D 66 -16.44 24.66 -24.18
CA GLU D 66 -15.62 23.96 -23.20
C GLU D 66 -14.36 24.75 -22.88
N GLY D 67 -14.11 24.93 -21.57
CA GLY D 67 -12.84 25.45 -21.08
C GLY D 67 -11.85 24.34 -20.89
N SER D 68 -10.58 24.66 -20.64
CA SER D 68 -9.52 23.66 -20.40
C SER D 68 -8.47 24.18 -19.42
N ALA D 69 -7.70 23.27 -18.81
CA ALA D 69 -6.61 23.65 -17.91
C ALA D 69 -5.63 24.56 -18.63
N PHE D 70 -5.26 25.67 -17.99
CA PHE D 70 -4.33 26.71 -18.45
C PHE D 70 -4.88 27.67 -19.47
N ASP D 71 -6.19 27.68 -19.70
CA ASP D 71 -6.93 28.77 -20.36
C ASP D 71 -6.95 30.03 -19.50
N GLU D 72 -6.75 31.19 -20.13
CA GLU D 72 -6.84 32.50 -19.50
C GLU D 72 -8.26 33.00 -19.75
N VAL D 73 -9.12 32.96 -18.72
CA VAL D 73 -10.52 33.36 -18.79
C VAL D 73 -10.72 34.79 -18.26
N GLU D 74 -11.50 35.62 -18.97
CA GLU D 74 -11.98 36.89 -18.46
C GLU D 74 -13.42 36.73 -17.98
N VAL D 75 -13.64 37.07 -16.71
CA VAL D 75 -14.99 37.18 -16.13
C VAL D 75 -15.37 38.66 -16.16
N ARG D 76 -16.14 39.03 -17.19
CA ARG D 76 -16.49 40.41 -17.47
C ARG D 76 -17.85 40.72 -16.87
N MET D 77 -17.92 41.70 -15.96
CA MET D 77 -19.14 41.97 -15.19
C MET D 77 -19.76 43.30 -15.54
N MET D 78 -21.09 43.31 -15.70
CA MET D 78 -21.93 44.50 -15.99
C MET D 78 -23.07 44.63 -15.02
N LEU D 79 -23.54 45.85 -14.79
CA LEU D 79 -24.67 46.13 -13.89
C LEU D 79 -26.02 46.11 -14.63
N ASP D 80 -26.89 45.15 -14.27
CA ASP D 80 -28.22 45.02 -14.79
C ASP D 80 -29.22 45.94 -14.09
N ARG D 81 -29.33 45.84 -12.74
CA ARG D 81 -30.30 46.60 -11.96
C ARG D 81 -29.77 47.00 -10.59
N LEU D 82 -30.09 48.24 -10.14
CA LEU D 82 -29.89 48.70 -8.77
C LEU D 82 -31.23 49.21 -8.23
N ASP D 83 -31.88 48.45 -7.37
CA ASP D 83 -33.17 48.89 -6.85
C ASP D 83 -33.20 48.72 -5.33
N GLY D 84 -32.86 49.80 -4.65
CA GLY D 84 -32.99 49.97 -3.21
C GLY D 84 -31.92 49.26 -2.40
N HIS D 85 -32.25 48.08 -1.87
CA HIS D 85 -31.32 47.25 -1.15
C HIS D 85 -30.70 46.17 -2.04
N ARG D 86 -31.18 46.00 -3.31
CA ARG D 86 -30.75 44.93 -4.25
C ARG D 86 -29.88 45.36 -5.42
N ILE D 87 -28.98 44.46 -5.86
CA ILE D 87 -28.05 44.63 -6.99
C ILE D 87 -28.09 43.40 -7.94
N ALA D 88 -28.27 43.63 -9.26
CA ALA D 88 -28.36 42.63 -10.33
C ALA D 88 -27.17 42.74 -11.25
N MET D 89 -26.28 41.72 -11.26
CA MET D 89 -25.10 41.75 -12.13
C MET D 89 -25.20 40.67 -13.16
N SER D 90 -24.65 40.91 -14.35
CA SER D 90 -24.45 39.85 -15.35
C SER D 90 -22.98 39.62 -15.66
N PHE D 91 -22.64 38.43 -16.20
CA PHE D 91 -21.25 38.02 -16.41
C PHE D 91 -21.07 37.43 -17.79
N ASP D 92 -19.90 37.66 -18.39
CA ASP D 92 -19.43 37.00 -19.62
C ASP D 92 -18.09 36.30 -19.32
N TYR D 93 -17.99 35.02 -19.77
CA TYR D 93 -16.79 34.20 -19.60
C TYR D 93 -16.03 33.97 -20.91
N VAL D 94 -15.03 34.81 -21.17
CA VAL D 94 -14.34 34.79 -22.45
C VAL D 94 -12.96 34.23 -22.29
N ARG D 95 -12.64 33.15 -23.04
CA ARG D 95 -11.26 32.68 -23.08
C ARG D 95 -10.47 33.61 -24.00
N VAL D 96 -9.41 34.26 -23.49
CA VAL D 96 -8.62 35.23 -24.26
C VAL D 96 -7.27 34.67 -24.71
N ALA D 97 -6.84 33.58 -24.12
CA ALA D 97 -5.65 32.81 -24.48
C ALA D 97 -5.81 31.37 -23.94
N PRO D 98 -5.38 30.32 -24.68
CA PRO D 98 -4.83 30.37 -26.05
C PRO D 98 -5.92 30.51 -27.10
N GLY D 99 -5.50 30.90 -28.29
CA GLY D 99 -6.34 30.97 -29.47
C GLY D 99 -7.30 32.15 -29.50
N PRO D 100 -8.35 32.07 -30.34
CA PRO D 100 -9.23 33.25 -30.51
C PRO D 100 -10.11 33.47 -29.28
N PRO D 101 -10.56 34.71 -29.02
CA PRO D 101 -11.53 34.93 -27.93
C PRO D 101 -12.75 34.09 -28.15
N THR D 102 -13.11 33.27 -27.15
CA THR D 102 -14.26 32.36 -27.24
C THR D 102 -15.19 32.53 -26.04
N LEU D 103 -16.50 32.75 -26.31
CA LEU D 103 -17.48 32.86 -25.25
C LEU D 103 -17.71 31.48 -24.73
N LEU D 104 -17.20 31.19 -23.53
CA LEU D 104 -17.32 29.90 -22.88
C LEU D 104 -18.68 29.82 -22.21
N ALA D 105 -19.05 30.87 -21.45
CA ALA D 105 -20.30 30.91 -20.71
C ALA D 105 -20.79 32.32 -20.47
N GLN D 106 -22.04 32.46 -19.96
CA GLN D 106 -22.64 33.71 -19.44
C GLN D 106 -23.34 33.42 -18.11
N GLY D 107 -23.32 34.38 -17.19
CA GLY D 107 -23.96 34.24 -15.89
C GLY D 107 -24.72 35.46 -15.41
N ARG D 108 -25.55 35.28 -14.39
CA ARG D 108 -26.18 36.41 -13.69
C ARG D 108 -26.17 36.15 -12.17
N GLN D 109 -26.43 37.19 -11.37
CA GLN D 109 -26.50 37.05 -9.93
C GLN D 109 -27.21 38.25 -9.33
N THR D 110 -27.95 38.02 -8.22
CA THR D 110 -28.64 39.05 -7.45
C THR D 110 -28.15 39.02 -6.03
N VAL D 111 -27.86 40.17 -5.50
CA VAL D 111 -27.29 40.32 -4.17
C VAL D 111 -28.14 41.35 -3.38
N ALA D 112 -28.50 41.04 -2.13
CA ALA D 112 -29.17 42.00 -1.25
C ALA D 112 -28.20 42.46 -0.17
N CYS D 113 -28.26 43.77 0.14
CA CYS D 113 -27.45 44.35 1.21
C CYS D 113 -28.28 44.27 2.44
N MET D 114 -27.72 43.62 3.44
CA MET D 114 -28.37 43.32 4.70
C MET D 114 -27.52 43.80 5.86
N ARG D 115 -28.10 43.79 7.06
CA ARG D 115 -27.36 43.85 8.31
C ARG D 115 -27.97 42.86 9.31
N ARG D 116 -27.27 42.59 10.43
CA ARG D 116 -27.77 41.65 11.44
C ARG D 116 -28.34 42.33 12.72
N ALA D 117 -29.37 41.70 13.29
CA ALA D 117 -30.13 42.19 14.43
C ALA D 117 -30.74 40.99 15.20
N GLY D 118 -31.24 41.24 16.41
CA GLY D 118 -31.96 40.27 17.23
C GLY D 118 -33.31 39.85 16.65
N HIS D 119 -34.09 40.83 16.17
CA HIS D 119 -35.31 40.68 15.36
C HIS D 119 -35.02 39.84 14.08
N GLY D 120 -33.82 40.02 13.51
CA GLY D 120 -33.33 39.27 12.36
C GLY D 120 -32.67 40.16 11.32
N LEU D 121 -32.07 39.53 10.29
CA LEU D 121 -31.50 40.21 9.12
C LEU D 121 -32.46 41.22 8.51
N GLU D 122 -32.05 42.49 8.50
CA GLU D 122 -32.86 43.59 7.99
C GLU D 122 -32.33 44.08 6.63
N PRO D 123 -33.20 44.47 5.68
CA PRO D 123 -32.69 45.05 4.44
C PRO D 123 -32.23 46.49 4.62
N VAL D 124 -30.95 46.75 4.30
CA VAL D 124 -30.38 48.10 4.36
C VAL D 124 -29.81 48.55 3.03
N GLU D 125 -30.20 49.78 2.62
CA GLU D 125 -29.90 50.46 1.35
C GLU D 125 -28.43 50.34 0.93
N VAL D 126 -28.18 50.14 -0.38
CA VAL D 126 -26.84 49.95 -0.97
C VAL D 126 -25.91 51.07 -0.47
N PRO D 127 -24.73 50.76 0.13
CA PRO D 127 -23.84 51.85 0.58
C PRO D 127 -23.49 52.84 -0.54
N ALA D 128 -23.50 54.15 -0.19
CA ALA D 128 -23.26 55.24 -1.12
C ALA D 128 -22.10 54.93 -2.09
N GLU D 129 -20.95 54.49 -1.52
CA GLU D 129 -19.69 54.23 -2.23
C GLU D 129 -19.83 53.16 -3.32
N LEU D 130 -20.55 52.06 -3.01
CA LEU D 130 -20.83 50.93 -3.92
C LEU D 130 -21.78 51.36 -5.03
N ARG D 131 -22.78 52.22 -4.72
CA ARG D 131 -23.69 52.77 -5.73
C ARG D 131 -22.90 53.56 -6.75
N ARG D 132 -22.10 54.56 -6.24
CA ARG D 132 -21.15 55.42 -7.00
C ARG D 132 -20.26 54.60 -8.00
N ALA D 133 -19.82 53.39 -7.56
CA ALA D 133 -18.91 52.50 -8.30
C ALA D 133 -19.65 51.70 -9.35
N LEU D 134 -20.79 51.07 -8.95
CA LEU D 134 -21.60 50.19 -9.80
C LEU D 134 -22.13 50.97 -11.01
N SER D 135 -22.55 52.19 -10.78
CA SER D 135 -23.07 53.07 -11.82
C SER D 135 -22.15 53.15 -13.06
N ARG D 136 -20.82 53.17 -12.86
CA ARG D 136 -19.84 53.25 -13.95
C ARG D 136 -19.95 52.08 -14.93
N TYR D 137 -20.59 50.97 -14.51
CA TYR D 137 -20.64 49.74 -15.31
C TYR D 137 -22.05 49.39 -15.83
N ALA D 138 -22.94 50.40 -15.85
CA ALA D 138 -24.32 50.29 -16.31
C ALA D 138 -24.40 50.26 -17.85
N VAL D 139 -25.33 49.48 -18.40
CA VAL D 139 -25.47 49.44 -19.85
C VAL D 139 -26.42 50.55 -20.43
N VAL D 140 -25.87 51.50 -21.22
CA VAL D 140 -26.72 52.49 -21.90
C VAL D 140 -27.04 52.14 -23.37
N ALA D 141 -27.92 52.89 -24.05
CA ALA D 141 -28.30 52.50 -25.39
C ALA D 141 -28.00 53.56 -26.43
N ASP E 1 36.92 -10.79 -13.46
CA ASP E 1 37.15 -10.83 -12.02
C ASP E 1 35.90 -10.44 -11.25
N SER E 2 35.36 -11.38 -10.48
CA SER E 2 34.18 -11.12 -9.71
C SER E 2 34.36 -11.70 -8.35
N TYR E 3 33.44 -11.45 -7.45
CA TYR E 3 33.53 -12.05 -6.12
C TYR E 3 32.96 -13.45 -6.19
N VAL E 4 33.75 -14.49 -5.82
CA VAL E 4 33.32 -15.90 -5.92
C VAL E 4 32.84 -16.49 -4.59
N HIS E 5 31.50 -16.73 -4.52
CA HIS E 5 30.86 -17.48 -3.43
C HIS E 5 30.58 -18.90 -3.92
N ARG E 6 31.17 -19.89 -3.25
CA ARG E 6 31.02 -21.29 -3.63
C ARG E 6 29.81 -21.87 -2.90
N HIS E 7 28.98 -22.64 -3.62
CA HIS E 7 27.85 -23.35 -3.04
C HIS E 7 27.82 -24.77 -3.57
N VAL E 8 27.62 -25.77 -2.68
CA VAL E 8 27.40 -27.14 -3.12
C VAL E 8 25.94 -27.50 -2.94
N VAL E 9 25.23 -27.82 -4.04
CA VAL E 9 23.79 -28.14 -4.09
C VAL E 9 23.48 -29.39 -3.21
N THR E 10 22.54 -29.22 -2.27
CA THR E 10 22.10 -30.23 -1.30
C THR E 10 20.75 -30.83 -1.74
N PHE E 11 20.32 -32.00 -1.16
CA PHE E 11 19.08 -32.66 -1.57
C PHE E 11 17.81 -31.92 -1.23
N ASP E 12 17.81 -31.17 -0.12
CA ASP E 12 16.70 -30.30 0.28
C ASP E 12 16.46 -29.11 -0.67
N GLU E 13 17.41 -28.84 -1.59
CA GLU E 13 17.34 -27.82 -2.66
C GLU E 13 16.84 -28.37 -3.99
N THR E 14 16.70 -29.69 -4.12
CA THR E 14 16.20 -30.39 -5.32
C THR E 14 14.74 -30.80 -5.12
N ASN E 15 13.89 -30.58 -6.13
CA ASN E 15 12.50 -31.08 -6.16
C ASN E 15 12.39 -32.47 -6.89
N LEU E 16 11.16 -33.02 -7.00
CA LEU E 16 10.94 -34.36 -7.61
C LEU E 16 11.34 -34.49 -9.09
N VAL E 17 11.45 -33.36 -9.80
CA VAL E 17 11.96 -33.27 -11.17
C VAL E 17 13.46 -33.64 -11.24
N GLY E 18 14.19 -33.40 -10.14
CA GLY E 18 15.59 -33.79 -9.97
C GLY E 18 16.55 -32.62 -9.98
N ASN E 19 16.02 -31.44 -10.26
CA ASN E 19 16.82 -30.23 -10.35
C ASN E 19 16.70 -29.32 -9.17
N VAL E 20 17.43 -28.23 -9.19
CA VAL E 20 17.31 -27.24 -8.12
C VAL E 20 16.00 -26.45 -8.25
N TYR E 21 15.20 -26.36 -7.12
CA TYR E 21 14.00 -25.51 -7.05
C TYR E 21 14.39 -24.06 -7.28
N PHE E 22 13.61 -23.34 -8.10
CA PHE E 22 13.98 -22.00 -8.54
C PHE E 22 14.34 -21.05 -7.38
N ALA E 23 13.56 -21.03 -6.27
CA ALA E 23 13.66 -19.99 -5.24
C ALA E 23 14.97 -20.02 -4.53
N HIS E 24 15.63 -21.20 -4.50
CA HIS E 24 16.95 -21.37 -3.90
C HIS E 24 17.99 -20.47 -4.49
N TYR E 25 17.92 -20.19 -5.82
CA TYR E 25 18.87 -19.33 -6.50
C TYR E 25 18.86 -17.93 -5.90
N LEU E 26 17.71 -17.49 -5.34
CA LEU E 26 17.55 -16.19 -4.66
C LEU E 26 18.20 -16.15 -3.28
N HIS E 27 17.98 -17.23 -2.46
CA HIS E 27 18.72 -17.45 -1.21
C HIS E 27 20.26 -17.30 -1.43
N TRP E 28 20.79 -17.88 -2.52
CA TRP E 28 22.24 -17.88 -2.81
C TRP E 28 22.80 -16.48 -3.03
N GLN E 29 22.00 -15.57 -3.62
CA GLN E 29 22.34 -14.15 -3.79
C GLN E 29 22.55 -13.50 -2.42
N GLY E 30 21.68 -13.88 -1.47
CA GLY E 30 21.73 -13.44 -0.09
C GLY E 30 23.00 -13.91 0.56
N HIS E 31 23.34 -15.20 0.39
CA HIS E 31 24.58 -15.81 0.93
C HIS E 31 25.85 -15.14 0.34
N CYS E 32 25.84 -14.86 -0.98
CA CYS E 32 26.93 -14.25 -1.71
C CYS E 32 27.23 -12.83 -1.17
N ARG E 33 26.18 -11.97 -1.00
CA ARG E 33 26.36 -10.62 -0.43
C ARG E 33 26.79 -10.63 1.03
N GLU E 34 26.19 -11.54 1.86
CA GLU E 34 26.57 -11.76 3.27
C GLU E 34 28.02 -12.21 3.35
N HIS E 35 28.40 -13.26 2.60
CA HIS E 35 29.79 -13.78 2.52
C HIS E 35 30.77 -12.67 2.05
N PHE E 36 30.37 -11.81 1.10
CA PHE E 36 31.15 -10.63 0.69
C PHE E 36 31.43 -9.68 1.86
N LEU E 37 30.41 -9.32 2.65
CA LEU E 37 30.61 -8.48 3.88
C LEU E 37 31.56 -9.09 4.90
N ALA E 38 31.46 -10.41 5.14
CA ALA E 38 32.35 -11.15 6.02
C ALA E 38 33.80 -11.04 5.59
N ASP E 39 34.06 -11.10 4.28
CA ASP E 39 35.39 -11.12 3.69
C ASP E 39 36.03 -9.73 3.52
N HIS E 40 35.24 -8.74 3.04
CA HIS E 40 35.75 -7.47 2.53
C HIS E 40 35.24 -6.19 3.22
N ALA E 41 34.18 -6.31 4.06
CA ALA E 41 33.66 -5.18 4.86
C ALA E 41 33.17 -5.62 6.28
N PRO E 42 34.06 -6.19 7.13
CA PRO E 42 33.60 -6.79 8.39
C PRO E 42 33.08 -5.82 9.46
N GLY E 43 33.37 -4.54 9.29
CA GLY E 43 32.85 -3.49 10.16
C GLY E 43 31.37 -3.25 9.92
N VAL E 44 30.93 -3.35 8.66
CA VAL E 44 29.54 -3.15 8.23
C VAL E 44 28.70 -4.27 8.82
N MET E 45 29.25 -5.49 8.78
CA MET E 45 28.75 -6.76 9.35
C MET E 45 28.36 -6.57 10.84
N ALA E 46 29.28 -6.03 11.66
CA ALA E 46 29.09 -5.70 13.07
C ALA E 46 28.05 -4.58 13.26
N ALA E 47 28.00 -3.61 12.31
CA ALA E 47 27.08 -2.47 12.34
C ALA E 47 25.62 -2.86 12.04
N LEU E 48 25.46 -4.03 11.45
CA LEU E 48 24.14 -4.55 11.24
C LEU E 48 23.50 -4.66 12.63
N ALA E 49 24.13 -5.45 13.49
CA ALA E 49 23.63 -5.73 14.83
C ALA E 49 23.20 -4.50 15.64
N ASP E 50 23.66 -3.34 15.24
CA ASP E 50 23.27 -2.10 15.92
C ASP E 50 22.91 -0.94 14.96
N GLY E 51 21.66 -0.96 14.50
CA GLY E 51 21.07 0.14 13.75
C GLY E 51 20.90 -0.08 12.26
N LEU E 52 21.99 -0.43 11.56
CA LEU E 52 22.05 -0.54 10.10
C LEU E 52 21.31 -1.77 9.53
N ALA E 53 20.44 -1.53 8.52
CA ALA E 53 19.74 -2.57 7.75
C ALA E 53 19.94 -2.38 6.23
N LEU E 54 20.18 -3.49 5.55
CA LEU E 54 20.26 -3.50 4.12
C LEU E 54 18.97 -4.07 3.62
N VAL E 55 18.11 -3.18 3.21
CA VAL E 55 16.78 -3.48 2.69
C VAL E 55 16.90 -3.89 1.20
N THR E 56 16.30 -5.04 0.82
CA THR E 56 16.21 -5.48 -0.58
C THR E 56 15.12 -4.66 -1.27
N VAL E 57 15.46 -4.04 -2.42
CA VAL E 57 14.51 -3.23 -3.20
C VAL E 57 13.78 -4.14 -4.24
N ASP E 58 14.57 -4.94 -4.94
CA ASP E 58 14.14 -5.90 -5.95
C ASP E 58 15.16 -7.02 -6.14
N CYS E 59 14.72 -8.11 -6.75
CA CYS E 59 15.59 -9.17 -7.21
C CYS E 59 15.05 -9.79 -8.48
N HIS E 60 15.97 -10.27 -9.32
CA HIS E 60 15.64 -10.92 -10.57
C HIS E 60 16.59 -12.08 -10.82
N ALA E 61 16.09 -13.12 -11.49
CA ALA E 61 16.83 -14.31 -11.88
C ALA E 61 16.32 -14.81 -13.26
N ASP E 62 17.25 -15.32 -14.08
CA ASP E 62 16.95 -15.96 -15.36
C ASP E 62 17.58 -17.33 -15.33
N PHE E 63 16.87 -18.37 -15.75
CA PHE E 63 17.35 -19.75 -15.61
C PHE E 63 17.55 -20.41 -17.00
N TYR E 64 18.84 -20.80 -17.29
CA TYR E 64 19.28 -21.29 -18.61
C TYR E 64 19.52 -22.80 -18.64
N ALA E 65 20.10 -23.38 -17.57
CA ALA E 65 20.45 -24.80 -17.49
C ALA E 65 20.11 -25.38 -16.12
N GLU E 66 19.89 -26.68 -16.09
CA GLU E 66 19.55 -27.46 -14.91
C GLU E 66 20.68 -27.73 -13.97
N GLY E 67 20.53 -27.39 -12.72
CA GLY E 67 21.46 -27.86 -11.69
C GLY E 67 21.03 -29.20 -11.16
N SER E 68 21.87 -29.83 -10.34
CA SER E 68 21.57 -31.13 -9.72
C SER E 68 22.24 -31.28 -8.34
N ALA E 69 21.71 -32.16 -7.49
CA ALA E 69 22.29 -32.43 -6.19
C ALA E 69 23.76 -32.82 -6.34
N PHE E 70 24.62 -32.22 -5.50
CA PHE E 70 26.08 -32.39 -5.43
C PHE E 70 26.90 -31.52 -6.41
N ASP E 71 26.24 -30.81 -7.35
CA ASP E 71 26.92 -29.82 -8.20
C ASP E 71 27.62 -28.75 -7.36
N GLU E 72 28.82 -28.36 -7.76
CA GLU E 72 29.59 -27.30 -7.13
C GLU E 72 29.33 -26.06 -7.96
N VAL E 73 28.52 -25.13 -7.41
CA VAL E 73 28.11 -23.91 -8.09
C VAL E 73 28.93 -22.73 -7.59
N GLU E 74 29.41 -21.89 -8.53
CA GLU E 74 30.01 -20.59 -8.21
C GLU E 74 28.98 -19.50 -8.41
N VAL E 75 28.70 -18.74 -7.35
CA VAL E 75 27.85 -17.57 -7.41
C VAL E 75 28.82 -16.39 -7.52
N ARG E 76 29.05 -15.91 -8.76
CA ARG E 76 30.03 -14.89 -9.08
C ARG E 76 29.32 -13.57 -9.09
N MET E 77 29.77 -12.64 -8.26
CA MET E 77 29.08 -11.37 -8.09
C MET E 77 29.88 -10.19 -8.63
N MET E 78 29.17 -9.30 -9.38
CA MET E 78 29.75 -8.06 -9.86
C MET E 78 28.92 -6.88 -9.44
N LEU E 79 29.55 -5.70 -9.30
CA LEU E 79 28.89 -4.44 -8.97
C LEU E 79 28.41 -3.75 -10.25
N ASP E 80 27.10 -3.55 -10.37
CA ASP E 80 26.50 -2.84 -11.48
C ASP E 80 26.56 -1.33 -11.23
N ARG E 81 25.92 -0.90 -10.14
CA ARG E 81 25.69 0.52 -9.84
C ARG E 81 25.81 0.81 -8.34
N LEU E 82 26.44 1.95 -8.03
CA LEU E 82 26.46 2.53 -6.69
C LEU E 82 25.85 3.93 -6.79
N ASP E 83 24.62 4.08 -6.29
CA ASP E 83 23.77 5.24 -6.55
C ASP E 83 23.23 5.85 -5.23
N GLY E 84 24.14 6.51 -4.51
CA GLY E 84 23.88 7.22 -3.27
C GLY E 84 23.65 6.31 -2.07
N HIS E 85 22.36 5.98 -1.85
CA HIS E 85 21.84 5.12 -0.79
C HIS E 85 21.47 3.71 -1.29
N ARG E 86 21.85 3.39 -2.56
CA ARG E 86 21.54 2.12 -3.27
C ARG E 86 22.76 1.40 -3.88
N ILE E 87 22.70 0.05 -3.93
CA ILE E 87 23.73 -0.84 -4.50
C ILE E 87 23.05 -1.85 -5.43
N ALA E 88 23.52 -1.95 -6.68
CA ALA E 88 22.99 -2.90 -7.67
C ALA E 88 24.07 -3.93 -7.97
N MET E 89 23.76 -5.21 -7.74
CA MET E 89 24.67 -6.30 -7.98
C MET E 89 24.10 -7.21 -9.04
N SER E 90 24.96 -7.82 -9.86
CA SER E 90 24.56 -8.91 -10.74
C SER E 90 25.29 -10.22 -10.36
N PHE E 91 24.75 -11.36 -10.77
CA PHE E 91 25.25 -12.65 -10.39
C PHE E 91 25.31 -13.59 -11.58
N ASP E 92 26.34 -14.43 -11.61
CA ASP E 92 26.49 -15.55 -12.55
C ASP E 92 26.60 -16.81 -11.74
N TYR E 93 25.73 -17.77 -12.05
CA TYR E 93 25.70 -19.09 -11.40
C TYR E 93 26.33 -20.08 -12.38
N VAL E 94 27.59 -20.48 -12.09
CA VAL E 94 28.37 -21.37 -12.96
C VAL E 94 28.60 -22.69 -12.23
N ARG E 95 28.16 -23.81 -12.82
CA ARG E 95 28.54 -25.13 -12.29
C ARG E 95 29.99 -25.40 -12.71
N VAL E 96 30.88 -25.61 -11.74
CA VAL E 96 32.31 -25.83 -11.99
C VAL E 96 32.74 -27.30 -11.83
N ALA E 97 31.90 -28.09 -11.18
CA ALA E 97 32.02 -29.53 -11.03
C ALA E 97 30.64 -30.12 -10.77
N PRO E 98 30.30 -31.31 -11.32
CA PRO E 98 31.07 -32.11 -12.28
C PRO E 98 30.98 -31.56 -13.69
N GLY E 99 31.90 -32.02 -14.53
CA GLY E 99 31.88 -31.73 -15.95
C GLY E 99 32.34 -30.32 -16.34
N PRO E 100 32.00 -29.89 -17.57
CA PRO E 100 32.46 -28.56 -18.02
C PRO E 100 31.76 -27.41 -17.30
N PRO E 101 32.41 -26.24 -17.17
CA PRO E 101 31.73 -25.09 -16.58
C PRO E 101 30.50 -24.76 -17.40
N THR E 102 29.35 -24.64 -16.75
CA THR E 102 28.06 -24.39 -17.39
C THR E 102 27.33 -23.24 -16.71
N LEU E 103 26.89 -22.23 -17.48
CA LEU E 103 26.06 -21.16 -16.94
C LEU E 103 24.64 -21.71 -16.71
N LEU E 104 24.31 -21.88 -15.44
CA LEU E 104 23.01 -22.40 -15.03
C LEU E 104 21.99 -21.28 -15.04
N ALA E 105 22.33 -20.13 -14.45
CA ALA E 105 21.45 -18.96 -14.34
C ALA E 105 22.23 -17.67 -14.23
N GLN E 106 21.51 -16.56 -14.24
CA GLN E 106 22.03 -15.22 -13.96
C GLN E 106 21.00 -14.47 -13.12
N GLY E 107 21.48 -13.56 -12.30
CA GLY E 107 20.62 -12.83 -11.38
C GLY E 107 21.01 -11.38 -11.22
N ARG E 108 20.10 -10.59 -10.65
CA ARG E 108 20.40 -9.23 -10.22
C ARG E 108 19.70 -8.96 -8.87
N GLN E 109 20.12 -7.90 -8.21
CA GLN E 109 19.52 -7.50 -6.95
C GLN E 109 19.90 -6.04 -6.65
N THR E 110 18.96 -5.32 -6.01
CA THR E 110 19.17 -3.94 -5.55
C THR E 110 18.93 -3.90 -4.06
N VAL E 111 19.85 -3.26 -3.35
CA VAL E 111 19.84 -3.15 -1.90
C VAL E 111 19.93 -1.70 -1.50
N ALA E 112 19.07 -1.29 -0.57
CA ALA E 112 18.99 0.03 0.04
C ALA E 112 19.61 0.05 1.45
N CYS E 113 20.42 1.10 1.75
CA CYS E 113 21.03 1.33 3.07
C CYS E 113 20.16 2.20 3.98
N MET E 114 19.68 1.55 5.04
CA MET E 114 18.67 2.10 5.95
C MET E 114 19.12 2.00 7.39
N ARG E 115 18.86 3.07 8.16
CA ARG E 115 19.05 3.02 9.61
C ARG E 115 17.73 3.23 10.33
N ARG E 116 17.36 2.28 11.21
CA ARG E 116 16.17 2.30 12.05
C ARG E 116 16.19 3.55 12.95
N ALA E 117 15.27 4.52 12.69
CA ALA E 117 15.20 5.79 13.44
C ALA E 117 13.90 5.94 14.26
N GLY E 118 13.67 7.15 14.81
CA GLY E 118 12.54 7.43 15.70
C GLY E 118 11.18 7.58 15.05
N HIS E 119 11.04 7.06 13.79
CA HIS E 119 9.81 7.07 12.98
C HIS E 119 9.65 5.78 12.16
N GLY E 120 10.76 5.06 11.96
CA GLY E 120 10.85 3.85 11.15
C GLY E 120 12.06 3.84 10.26
N LEU E 121 11.91 3.30 9.03
CA LEU E 121 13.01 3.20 8.05
C LEU E 121 13.33 4.51 7.35
N GLU E 122 14.62 4.89 7.43
CA GLU E 122 15.17 6.13 6.91
C GLU E 122 16.40 5.84 6.02
N PRO E 123 16.53 6.50 4.84
CA PRO E 123 17.71 6.21 3.99
C PRO E 123 18.97 6.85 4.51
N VAL E 124 20.12 6.21 4.32
CA VAL E 124 21.40 6.78 4.73
C VAL E 124 22.39 6.90 3.53
N GLU E 125 23.71 6.98 3.77
CA GLU E 125 24.70 6.79 2.70
C GLU E 125 25.29 5.39 2.88
N VAL E 126 25.89 4.83 1.80
CA VAL E 126 26.57 3.52 1.88
C VAL E 126 27.77 3.74 2.82
N PRO E 127 27.97 2.85 3.84
CA PRO E 127 29.13 3.02 4.74
C PRO E 127 30.49 3.10 4.04
N ALA E 128 31.36 3.99 4.53
CA ALA E 128 32.68 4.24 3.93
C ALA E 128 33.40 2.96 3.58
N GLU E 129 33.40 1.96 4.49
CA GLU E 129 34.12 0.69 4.35
C GLU E 129 33.61 -0.17 3.20
N LEU E 130 32.28 -0.25 3.04
CA LEU E 130 31.60 -0.98 1.99
C LEU E 130 31.82 -0.27 0.62
N ARG E 131 31.94 1.07 0.63
CA ARG E 131 32.14 1.82 -0.59
C ARG E 131 33.51 1.52 -1.22
N ARG E 132 34.57 1.48 -0.36
CA ARG E 132 35.97 1.17 -0.69
C ARG E 132 36.13 -0.30 -1.02
N ALA E 133 35.13 -1.15 -0.67
CA ALA E 133 35.16 -2.60 -0.87
C ALA E 133 34.48 -3.03 -2.17
N LEU E 134 33.33 -2.42 -2.51
CA LEU E 134 32.56 -2.70 -3.73
C LEU E 134 33.35 -2.40 -5.05
N SER E 135 34.34 -1.48 -4.96
CA SER E 135 35.32 -1.27 -6.02
C SER E 135 36.43 -2.35 -5.97
N ARG E 136 36.99 -2.59 -4.76
CA ARG E 136 38.21 -3.38 -4.52
C ARG E 136 37.96 -4.58 -3.58
N ASP F 1 -9.72 -11.30 -13.42
CA ASP F 1 -9.65 -11.16 -11.98
C ASP F 1 -8.38 -11.87 -11.44
N SER F 2 -8.45 -12.14 -10.14
CA SER F 2 -7.29 -12.62 -9.40
C SER F 2 -7.47 -14.04 -8.84
N TYR F 3 -6.41 -14.83 -8.88
CA TYR F 3 -6.39 -16.07 -8.12
C TYR F 3 -5.77 -15.78 -6.74
N VAL F 4 -6.45 -16.12 -5.64
CA VAL F 4 -6.02 -15.78 -4.28
C VAL F 4 -5.44 -16.98 -3.53
N HIS F 5 -4.11 -16.95 -3.29
CA HIS F 5 -3.44 -17.90 -2.41
C HIS F 5 -3.15 -17.18 -1.09
N ARG F 6 -3.67 -17.74 0.03
CA ARG F 6 -3.49 -17.17 1.35
C ARG F 6 -2.23 -17.76 2.00
N HIS F 7 -1.44 -16.90 2.65
CA HIS F 7 -0.26 -17.30 3.41
C HIS F 7 -0.21 -16.56 4.74
N VAL F 8 -0.07 -17.31 5.78
CA VAL F 8 0.17 -16.68 7.07
C VAL F 8 1.66 -16.76 7.38
N VAL F 9 2.36 -15.47 7.42
CA VAL F 9 3.78 -15.30 7.76
C VAL F 9 4.11 -16.04 9.05
N THR F 10 5.23 -16.88 9.00
CA THR F 10 5.69 -17.68 10.15
C THR F 10 7.04 -17.14 10.64
N PHE F 11 7.40 -17.45 11.77
CA PHE F 11 8.65 -16.97 12.35
C PHE F 11 9.92 -17.36 11.61
N ASP F 12 10.01 -18.61 11.06
CA ASP F 12 11.14 -19.08 10.26
C ASP F 12 11.37 -18.27 8.98
N GLU F 13 10.33 -17.43 8.52
CA GLU F 13 10.33 -16.51 7.36
C GLU F 13 10.81 -15.10 7.70
N THR F 14 10.86 -14.72 9.02
CA THR F 14 11.33 -13.44 9.53
C THR F 14 12.80 -13.52 9.94
N ASN F 15 13.81 -12.69 9.68
CA ASN F 15 15.21 -12.56 10.10
C ASN F 15 15.35 -11.66 11.36
N LEU F 16 16.58 -11.42 11.85
CA LEU F 16 16.82 -10.63 13.08
C LEU F 16 16.33 -9.19 13.09
N VAL F 17 16.14 -8.62 11.89
CA VAL F 17 15.55 -7.29 11.67
C VAL F 17 14.04 -7.26 12.09
N GLY F 18 13.36 -8.41 11.98
CA GLY F 18 11.97 -8.56 12.40
C GLY F 18 10.99 -8.71 11.25
N ASN F 19 11.49 -8.56 10.03
CA ASN F 19 10.67 -8.55 8.83
C ASN F 19 10.89 -9.83 8.05
N VAL F 20 10.05 -10.13 7.03
CA VAL F 20 10.20 -11.31 6.15
C VAL F 20 11.49 -11.20 5.29
N TYR F 21 12.23 -12.21 5.29
CA TYR F 21 13.40 -12.29 4.40
C TYR F 21 12.93 -12.31 2.94
N PHE F 22 13.64 -11.56 2.07
CA PHE F 22 13.19 -11.38 0.67
C PHE F 22 12.86 -12.69 -0.08
N ALA F 23 13.77 -13.72 0.04
CA ALA F 23 13.69 -14.91 -0.80
C ALA F 23 12.38 -15.63 -0.66
N HIS F 24 11.71 -15.41 0.45
CA HIS F 24 10.47 -16.13 0.78
C HIS F 24 9.31 -15.68 -0.06
N TYR F 25 9.39 -14.50 -0.63
CA TYR F 25 8.37 -14.00 -1.53
C TYR F 25 8.37 -14.81 -2.84
N LEU F 26 9.55 -15.38 -3.24
CA LEU F 26 9.69 -16.20 -4.46
C LEU F 26 9.13 -17.59 -4.25
N HIS F 27 9.38 -18.18 -3.08
CA HIS F 27 8.70 -19.41 -2.64
C HIS F 27 7.17 -19.29 -2.75
N TRP F 28 6.62 -18.15 -2.31
CA TRP F 28 5.16 -17.95 -2.29
C TRP F 28 4.56 -17.96 -3.68
N GLN F 29 5.35 -17.50 -4.65
CA GLN F 29 4.99 -17.57 -6.09
C GLN F 29 4.85 -19.01 -6.50
N GLY F 30 5.75 -19.79 -6.11
CA GLY F 30 5.74 -21.23 -6.33
C GLY F 30 4.51 -21.88 -5.73
N HIS F 31 4.18 -21.63 -4.37
CA HIS F 31 3.01 -22.15 -3.66
C HIS F 31 1.72 -21.72 -4.37
N CYS F 32 1.67 -20.48 -4.84
CA CYS F 32 0.53 -19.90 -5.51
C CYS F 32 0.23 -20.63 -6.81
N ARG F 33 1.23 -20.71 -7.71
CA ARG F 33 1.07 -21.44 -8.99
C ARG F 33 0.68 -22.96 -8.78
N GLU F 34 1.24 -23.63 -7.90
CA GLU F 34 0.94 -24.99 -7.50
C GLU F 34 -0.52 -25.07 -7.00
N HIS F 35 -0.92 -24.18 -6.04
CA HIS F 35 -2.28 -24.10 -5.50
C HIS F 35 -3.30 -23.85 -6.62
N PHE F 36 -2.90 -23.06 -7.73
CA PHE F 36 -3.70 -22.87 -8.94
C PHE F 36 -3.95 -24.16 -9.73
N LEU F 37 -2.86 -25.01 -10.00
CA LEU F 37 -3.03 -26.32 -10.66
C LEU F 37 -3.92 -27.29 -9.88
N ALA F 38 -3.75 -27.29 -8.41
CA ALA F 38 -4.58 -28.11 -7.52
C ALA F 38 -6.08 -27.77 -7.67
N ASP F 39 -6.38 -26.57 -7.68
CA ASP F 39 -7.75 -26.03 -7.71
C ASP F 39 -8.39 -26.09 -9.09
N HIS F 40 -7.69 -25.62 -10.34
CA HIS F 40 -8.23 -25.30 -11.66
C HIS F 40 -7.73 -26.14 -12.83
N ALA F 41 -6.65 -26.94 -12.65
CA ALA F 41 -6.14 -27.86 -13.66
C ALA F 41 -5.59 -29.20 -13.06
N PRO F 42 -6.39 -30.08 -12.19
CA PRO F 42 -5.85 -31.23 -11.42
C PRO F 42 -5.31 -32.40 -12.24
N GLY F 43 -5.71 -32.37 -13.66
CA GLY F 43 -5.20 -33.36 -14.59
C GLY F 43 -3.75 -33.11 -14.95
N VAL F 44 -3.37 -31.81 -15.03
CA VAL F 44 -2.02 -31.34 -15.36
C VAL F 44 -1.05 -31.75 -14.24
N MET F 45 -1.50 -31.61 -13.00
CA MET F 45 -0.76 -31.92 -11.78
C MET F 45 -0.43 -33.41 -11.61
N ALA F 46 -1.31 -34.24 -12.11
CA ALA F 46 -1.09 -35.67 -12.27
C ALA F 46 -0.14 -35.98 -13.44
N ALA F 47 -0.26 -35.28 -14.51
CA ALA F 47 0.57 -35.42 -15.72
C ALA F 47 2.03 -35.06 -15.51
N LEU F 48 2.37 -34.25 -14.45
CA LEU F 48 3.72 -33.89 -14.05
C LEU F 48 4.43 -35.07 -13.63
N ALA F 49 3.95 -36.14 -12.73
CA ALA F 49 4.53 -37.41 -12.36
C ALA F 49 4.75 -38.32 -13.57
N ASP F 50 4.24 -38.04 -14.76
CA ASP F 50 4.36 -38.91 -15.94
C ASP F 50 4.70 -38.14 -17.23
N GLY F 51 5.95 -37.72 -17.36
CA GLY F 51 6.45 -37.05 -18.55
C GLY F 51 6.62 -35.55 -18.46
N LEU F 52 5.56 -34.73 -18.16
CA LEU F 52 5.44 -33.27 -18.25
C LEU F 52 6.22 -32.53 -17.14
N ALA F 53 6.87 -31.52 -17.61
CA ALA F 53 7.59 -30.64 -16.68
C ALA F 53 7.30 -29.14 -16.93
N LEU F 54 7.08 -28.40 -15.86
CA LEU F 54 6.93 -26.98 -15.93
C LEU F 54 8.17 -26.32 -15.39
N VAL F 55 9.06 -25.94 -16.35
CA VAL F 55 10.35 -25.30 -16.15
C VAL F 55 10.16 -23.77 -15.92
N THR F 56 10.80 -23.14 -14.78
CA THR F 56 10.86 -21.68 -14.57
C THR F 56 11.92 -21.07 -15.51
N VAL F 57 11.39 -20.18 -16.35
CA VAL F 57 12.26 -19.48 -17.29
C VAL F 57 12.97 -18.30 -16.60
N ASP F 58 12.23 -17.55 -15.92
CA ASP F 58 12.68 -16.41 -15.13
C ASP F 58 11.68 -16.09 -14.02
N CYS F 59 12.23 -15.25 -12.87
CA CYS F 59 11.37 -14.69 -11.84
C CYS F 59 11.88 -13.32 -11.41
N HIS F 60 10.96 -12.46 -10.97
CA HIS F 60 11.28 -11.12 -10.52
C HIS F 60 10.39 -10.78 -9.33
N ALA F 61 10.92 -9.93 -8.39
CA ALA F 61 10.18 -9.38 -7.25
C ALA F 61 10.60 -7.93 -6.98
N ASP F 62 9.60 -7.00 -6.63
CA ASP F 62 9.84 -5.60 -6.22
C ASP F 62 9.23 -5.44 -4.85
N PHE F 63 9.95 -4.82 -3.91
CA PHE F 63 9.52 -4.82 -2.50
C PHE F 63 9.22 -3.40 -2.01
N TYR F 64 7.99 -3.19 -1.56
CA TYR F 64 7.47 -1.86 -1.20
C TYR F 64 7.31 -1.65 0.31
N ALA F 65 6.76 -2.68 0.94
CA ALA F 65 6.49 -2.60 2.38
C ALA F 65 6.94 -3.85 3.10
N GLU F 66 7.30 -3.72 4.36
CA GLU F 66 7.83 -4.79 5.16
C GLU F 66 6.73 -5.64 5.77
N GLY F 67 6.87 -6.96 5.67
CA GLY F 67 5.98 -7.94 6.28
C GLY F 67 6.52 -8.39 7.63
N SER F 68 5.54 -8.90 8.46
CA SER F 68 5.87 -9.32 9.83
C SER F 68 5.23 -10.65 10.19
N ALA F 69 5.80 -11.35 11.18
CA ALA F 69 5.25 -12.60 11.68
C ALA F 69 3.79 -12.44 12.06
N PHE F 70 3.03 -13.42 11.71
CA PHE F 70 1.57 -13.51 11.95
C PHE F 70 0.69 -12.73 10.96
N ASP F 71 1.31 -11.86 10.12
CA ASP F 71 0.58 -11.22 9.01
C ASP F 71 -0.10 -12.25 8.12
N GLU F 72 -1.32 -11.93 7.69
CA GLU F 72 -2.11 -12.75 6.76
C GLU F 72 -1.91 -12.10 5.41
N VAL F 73 -1.20 -12.69 4.46
CA VAL F 73 -0.83 -12.20 3.12
C VAL F 73 -1.69 -12.89 2.05
N GLU F 74 -2.20 -12.10 1.08
CA GLU F 74 -2.80 -12.65 -0.14
C GLU F 74 -1.82 -12.56 -1.27
N VAL F 75 -1.51 -13.71 -1.88
CA VAL F 75 -0.72 -13.78 -3.12
C VAL F 75 -1.72 -13.88 -4.28
N ARG F 76 -1.94 -12.71 -4.86
CA ARG F 76 -2.95 -12.58 -5.89
C ARG F 76 -2.26 -12.70 -7.25
N MET F 77 -2.70 -13.67 -8.05
CA MET F 77 -2.00 -13.96 -9.29
C MET F 77 -2.89 -13.68 -10.49
N MET F 78 -2.36 -13.04 -11.41
CA MET F 78 -3.07 -12.88 -12.69
C MET F 78 -2.18 -13.39 -13.86
N LEU F 79 -2.77 -13.70 -15.01
CA LEU F 79 -2.11 -14.14 -16.24
C LEU F 79 -1.67 -12.93 -17.09
N ASP F 80 -0.35 -12.78 -17.33
CA ASP F 80 0.20 -11.78 -18.24
C ASP F 80 0.15 -12.25 -19.70
N ARG F 81 0.62 -13.44 -20.04
CA ARG F 81 0.81 -13.94 -21.39
C ARG F 81 0.73 -15.47 -21.46
N LEU F 82 0.09 -15.98 -22.49
CA LEU F 82 0.17 -17.37 -22.88
C LEU F 82 0.75 -17.42 -24.29
N ASP F 83 1.93 -17.98 -24.45
CA ASP F 83 2.70 -17.91 -25.68
C ASP F 83 3.25 -19.30 -26.09
N GLY F 84 2.51 -20.11 -26.56
CA GLY F 84 2.83 -21.44 -27.07
C GLY F 84 3.11 -22.48 -26.01
N HIS F 85 4.38 -22.58 -25.73
CA HIS F 85 4.79 -23.49 -24.68
C HIS F 85 5.01 -22.73 -23.37
N ARG F 86 4.95 -21.38 -23.39
CA ARG F 86 5.24 -20.49 -22.24
C ARG F 86 4.01 -19.81 -21.57
N ILE F 87 4.09 -19.60 -20.25
CA ILE F 87 3.10 -18.88 -19.41
C ILE F 87 3.78 -17.78 -18.57
N ALA F 88 3.25 -16.57 -18.60
CA ALA F 88 3.76 -15.45 -17.81
C ALA F 88 2.71 -15.02 -16.80
N MET F 89 3.07 -15.05 -15.53
CA MET F 89 2.17 -14.68 -14.42
C MET F 89 2.75 -13.48 -13.69
N SER F 90 1.92 -12.63 -13.12
CA SER F 90 2.31 -11.59 -12.18
C SER F 90 1.65 -11.79 -10.82
N PHE F 91 2.16 -11.11 -9.79
CA PHE F 91 1.74 -11.32 -8.41
C PHE F 91 1.60 -10.02 -7.65
N ASP F 92 0.63 -10.00 -6.76
CA ASP F 92 0.44 -8.95 -5.77
C ASP F 92 0.43 -9.59 -4.42
N TYR F 93 1.15 -9.08 -3.55
CA TYR F 93 1.25 -9.53 -2.17
C TYR F 93 0.61 -8.48 -1.30
N VAL F 94 -0.62 -8.75 -0.82
CA VAL F 94 -1.40 -7.80 -0.02
C VAL F 94 -1.55 -8.33 1.39
N ARG F 95 -1.10 -7.57 2.42
CA ARG F 95 -1.43 -7.93 3.80
C ARG F 95 -2.85 -7.48 4.08
N VAL F 96 -3.61 -8.38 4.28
CA VAL F 96 -5.05 -8.15 4.49
C VAL F 96 -5.46 -8.09 5.96
N ALA F 97 -4.60 -8.58 6.88
CA ALA F 97 -4.69 -8.52 8.33
C ALA F 97 -3.25 -8.63 8.91
N PRO F 98 -2.91 -7.90 9.99
CA PRO F 98 -3.75 -6.90 10.68
C PRO F 98 -3.69 -5.57 9.94
N GLY F 99 -4.55 -4.57 10.23
CA GLY F 99 -4.57 -3.20 9.74
C GLY F 99 -5.01 -3.03 8.29
N PRO F 100 -4.66 -1.98 7.78
CA PRO F 100 -5.15 -1.72 6.42
C PRO F 100 -4.50 -2.64 5.38
N PRO F 101 -5.21 -2.91 4.26
CA PRO F 101 -4.58 -3.69 3.19
C PRO F 101 -3.38 -2.92 2.67
N THR F 102 -2.25 -3.66 2.75
CA THR F 102 -1.00 -3.00 2.35
C THR F 102 -0.29 -3.86 1.29
N LEU F 103 0.08 -3.20 0.16
CA LEU F 103 0.87 -3.87 -0.88
C LEU F 103 2.30 -3.95 -0.36
N LEU F 104 2.70 -5.15 0.03
CA LEU F 104 4.01 -5.44 0.53
C LEU F 104 4.99 -5.54 -0.64
N ALA F 105 4.65 -6.30 -1.69
CA ALA F 105 5.51 -6.48 -2.85
C ALA F 105 4.70 -6.76 -4.09
N GLN F 106 5.37 -6.87 -5.24
CA GLN F 106 4.86 -7.36 -6.52
C GLN F 106 5.93 -8.24 -7.16
N GLY F 107 5.48 -9.21 -7.94
CA GLY F 107 6.37 -10.20 -8.54
C GLY F 107 5.93 -10.59 -9.93
N ARG F 108 6.82 -11.27 -10.65
CA ARG F 108 6.49 -11.89 -11.94
C ARG F 108 7.23 -13.22 -12.05
N GLN F 109 6.78 -14.08 -12.99
CA GLN F 109 7.41 -15.37 -13.25
C GLN F 109 7.01 -15.91 -14.63
N THR F 110 7.95 -16.60 -15.30
CA THR F 110 7.70 -17.27 -16.58
C THR F 110 8.00 -18.75 -16.43
N VAL F 111 7.10 -19.57 -16.92
CA VAL F 111 7.18 -21.03 -16.81
C VAL F 111 7.03 -21.66 -18.22
N ALA F 112 7.89 -22.67 -18.56
CA ALA F 112 7.93 -23.43 -19.83
C ALA F 112 7.26 -24.83 -19.73
N CYS F 113 6.64 -25.31 -20.82
CA CYS F 113 6.04 -26.65 -20.87
C CYS F 113 6.98 -27.61 -21.55
N MET F 114 7.62 -28.45 -20.78
CA MET F 114 8.62 -29.35 -21.31
C MET F 114 8.16 -30.80 -21.09
N ARG F 115 8.36 -31.65 -22.10
CA ARG F 115 8.22 -33.09 -21.91
C ARG F 115 9.53 -33.82 -22.17
N ARG F 116 9.97 -34.64 -21.18
CA ARG F 116 11.16 -35.47 -21.25
C ARG F 116 10.97 -36.59 -22.34
N ALA F 117 11.63 -36.41 -23.48
CA ALA F 117 11.56 -37.35 -24.55
C ALA F 117 12.90 -37.41 -25.29
N GLY F 118 13.61 -36.28 -25.28
CA GLY F 118 14.91 -36.20 -25.93
C GLY F 118 16.04 -36.63 -25.01
N HIS F 119 17.12 -35.86 -25.04
CA HIS F 119 18.28 -36.15 -24.18
C HIS F 119 17.85 -36.28 -22.72
N GLY F 120 17.18 -35.26 -22.22
CA GLY F 120 16.87 -34.09 -23.00
C GLY F 120 15.41 -33.68 -22.92
N LEU F 121 15.16 -32.40 -22.66
CA LEU F 121 13.81 -31.88 -22.55
C LEU F 121 13.48 -31.02 -23.77
N GLU F 122 12.11 -31.19 -24.36
CA GLU F 122 11.64 -30.52 -25.57
C GLU F 122 10.42 -29.68 -25.24
N PRO F 123 10.24 -28.58 -25.93
CA PRO F 123 9.04 -27.77 -25.61
C PRO F 123 7.74 -28.40 -26.12
N VAL F 124 6.76 -28.55 -25.23
CA VAL F 124 5.43 -29.08 -25.53
C VAL F 124 4.32 -28.06 -25.33
N GLU F 125 3.29 -28.33 -26.02
CA GLU F 125 2.01 -27.63 -25.93
C GLU F 125 1.48 -27.49 -24.48
N VAL F 126 1.11 -26.24 -24.06
CA VAL F 126 0.45 -26.00 -22.78
C VAL F 126 -0.82 -26.83 -22.77
N PRO F 127 -0.93 -27.83 -21.86
CA PRO F 127 -2.07 -28.76 -21.89
C PRO F 127 -3.43 -28.06 -21.98
N ALA F 128 -4.33 -28.61 -22.80
CA ALA F 128 -5.70 -28.09 -23.00
C ALA F 128 -6.34 -27.61 -21.70
N GLU F 129 -6.29 -28.46 -20.63
CA GLU F 129 -6.89 -28.23 -19.33
C GLU F 129 -6.34 -26.98 -18.64
N LEU F 130 -5.02 -26.72 -18.82
CA LEU F 130 -4.35 -25.53 -18.26
C LEU F 130 -4.65 -24.24 -19.03
N ARG F 131 -4.70 -24.31 -20.39
CA ARG F 131 -5.17 -23.21 -21.24
C ARG F 131 -6.58 -22.81 -20.80
N ARG F 132 -7.49 -23.81 -20.70
CA ARG F 132 -8.89 -23.69 -20.27
C ARG F 132 -9.03 -22.99 -18.88
N ALA F 133 -8.05 -23.25 -17.98
CA ALA F 133 -7.93 -22.67 -16.66
C ALA F 133 -7.46 -21.22 -16.80
N LEU F 134 -6.48 -20.97 -17.69
CA LEU F 134 -5.88 -19.65 -17.89
C LEU F 134 -6.83 -18.70 -18.63
N SER F 135 -7.73 -19.27 -19.46
CA SER F 135 -8.86 -18.54 -20.08
C SER F 135 -9.80 -17.86 -19.05
N ARG F 136 -10.21 -18.55 -17.95
CA ARG F 136 -11.07 -17.93 -16.94
C ARG F 136 -10.35 -16.80 -16.16
N TYR F 137 -9.00 -16.64 -16.33
CA TYR F 137 -8.22 -15.55 -15.74
C TYR F 137 -7.61 -14.57 -16.76
N ALA F 138 -8.33 -14.33 -17.88
CA ALA F 138 -7.95 -13.40 -18.96
C ALA F 138 -9.18 -12.81 -19.67
N ASP G 1 37.36 -39.89 16.36
CA ASP G 1 37.44 -39.06 15.15
C ASP G 1 36.03 -38.79 14.63
N SER G 2 35.85 -37.91 14.06
CA SER G 2 34.56 -37.49 13.53
C SER G 2 34.73 -36.85 12.16
N TYR G 3 33.68 -36.94 11.23
CA TYR G 3 33.63 -36.27 9.92
C TYR G 3 33.18 -34.83 10.18
N VAL G 4 33.90 -33.85 9.71
CA VAL G 4 33.57 -32.42 9.91
C VAL G 4 32.95 -31.79 8.66
N HIS G 5 31.64 -31.47 8.73
CA HIS G 5 30.95 -30.63 7.76
C HIS G 5 30.87 -29.20 8.28
N ARG G 6 31.42 -28.26 7.53
CA ARG G 6 31.44 -26.85 7.89
C ARG G 6 30.16 -26.15 7.35
N HIS G 7 29.70 -25.41 8.31
CA HIS G 7 28.57 -24.59 7.92
C HIS G 7 28.73 -23.18 8.46
N VAL G 8 28.52 -22.18 7.61
CA VAL G 8 28.49 -20.79 8.06
C VAL G 8 27.04 -20.27 8.08
N VAL G 9 26.55 -19.88 9.29
CA VAL G 9 25.18 -19.44 9.55
C VAL G 9 24.86 -18.19 8.74
N THR G 10 23.75 -18.25 7.97
CA THR G 10 23.25 -17.19 7.08
C THR G 10 22.04 -16.47 7.70
N PHE G 11 21.65 -15.30 7.20
CA PHE G 11 20.55 -14.50 7.76
C PHE G 11 19.17 -15.15 7.70
N ASP G 12 18.90 -15.93 6.65
CA ASP G 12 17.63 -16.65 6.47
C ASP G 12 17.43 -17.77 7.50
N GLU G 13 18.52 -18.14 8.20
CA GLU G 13 18.56 -19.14 9.29
C GLU G 13 18.35 -18.55 10.67
N THR G 14 18.35 -17.19 10.79
CA THR G 14 18.17 -16.44 12.05
C THR G 14 16.79 -15.84 12.13
N ASN G 15 16.27 -15.76 13.35
CA ASN G 15 14.91 -15.28 13.65
C ASN G 15 14.96 -13.86 14.23
N LEU G 16 13.80 -13.20 14.37
CA LEU G 16 13.71 -11.86 14.98
C LEU G 16 14.36 -11.69 16.35
N VAL G 17 14.55 -12.79 17.10
CA VAL G 17 15.28 -12.82 18.37
C VAL G 17 16.80 -12.58 18.15
N GLY G 18 17.31 -12.97 16.98
CA GLY G 18 18.72 -12.86 16.61
C GLY G 18 19.49 -14.17 16.51
N ASN G 19 18.87 -15.31 16.92
CA ASN G 19 19.54 -16.61 16.96
C ASN G 19 19.09 -17.55 15.85
N VAL G 20 19.73 -18.71 15.67
CA VAL G 20 19.38 -19.69 14.63
C VAL G 20 18.04 -20.35 14.99
N TYR G 21 17.07 -20.37 14.03
CA TYR G 21 15.81 -21.10 14.18
C TYR G 21 16.08 -22.58 14.35
N PHE G 22 15.39 -23.24 15.28
CA PHE G 22 15.73 -24.62 15.64
C PHE G 22 15.79 -25.59 14.44
N ALA G 23 14.82 -25.53 13.51
CA ALA G 23 14.65 -26.53 12.47
C ALA G 23 15.88 -26.65 11.54
N HIS G 24 16.64 -25.55 11.40
CA HIS G 24 17.85 -25.51 10.59
C HIS G 24 18.89 -26.52 10.99
N TYR G 25 18.97 -26.81 12.30
CA TYR G 25 19.96 -27.75 12.84
C TYR G 25 19.73 -29.14 12.23
N LEU G 26 18.45 -29.43 11.84
CA LEU G 26 18.09 -30.73 11.23
C LEU G 26 18.50 -30.80 9.75
N HIS G 27 18.30 -29.70 8.98
CA HIS G 27 18.84 -29.53 7.61
C HIS G 27 20.35 -29.84 7.58
N TRP G 28 21.12 -29.33 8.57
CA TRP G 28 22.58 -29.47 8.62
C TRP G 28 23.00 -30.90 8.78
N GLN G 29 22.16 -31.68 9.53
CA GLN G 29 22.30 -33.14 9.68
C GLN G 29 22.38 -33.80 8.32
N GLY G 30 21.42 -33.42 7.44
CA GLY G 30 21.29 -33.86 6.06
C GLY G 30 22.49 -33.48 5.23
N HIS G 31 22.95 -32.22 5.35
CA HIS G 31 24.12 -31.73 4.61
C HIS G 31 25.41 -32.53 4.98
N CYS G 32 25.61 -32.83 6.28
CA CYS G 32 26.74 -33.59 6.83
C CYS G 32 26.79 -34.99 6.18
N ARG G 33 25.65 -35.73 6.18
CA ARG G 33 25.60 -37.09 5.62
C ARG G 33 25.81 -37.08 4.10
N GLU G 34 25.17 -36.12 3.39
CA GLU G 34 25.36 -35.89 1.95
C GLU G 34 26.84 -35.57 1.61
N HIS G 35 27.43 -34.58 2.31
CA HIS G 35 28.85 -34.20 2.14
C HIS G 35 29.78 -35.39 2.44
N PHE G 36 29.44 -36.23 3.44
CA PHE G 36 30.18 -37.46 3.73
C PHE G 36 30.22 -38.43 2.55
N LEU G 37 29.04 -38.69 1.91
CA LEU G 37 28.98 -39.54 0.72
C LEU G 37 29.82 -39.02 -0.45
N ALA G 38 29.79 -37.70 -0.69
CA ALA G 38 30.59 -37.03 -1.72
C ALA G 38 32.09 -37.30 -1.52
N ASP G 39 32.55 -37.24 -0.27
CA ASP G 39 33.96 -37.35 0.09
C ASP G 39 34.48 -38.78 0.18
N HIS G 40 33.69 -39.70 0.80
CA HIS G 40 34.18 -41.02 1.25
C HIS G 40 33.44 -42.25 0.69
N ALA G 41 32.27 -42.05 0.02
CA ALA G 41 31.54 -43.13 -0.64
C ALA G 41 30.89 -42.67 -1.97
N PRO G 42 31.69 -42.20 -2.98
CA PRO G 42 31.08 -41.56 -4.16
C PRO G 42 30.33 -42.49 -5.12
N GLY G 43 30.53 -43.80 -4.96
CA GLY G 43 29.79 -44.82 -5.71
C GLY G 43 28.35 -44.91 -5.25
N VAL G 44 28.13 -44.77 -3.93
CA VAL G 44 26.81 -44.82 -3.28
C VAL G 44 25.97 -43.64 -3.75
N MET G 45 26.63 -42.46 -3.84
CA MET G 45 26.16 -41.16 -4.33
C MET G 45 25.51 -41.33 -5.74
N ALA G 46 26.25 -41.95 -6.67
CA ALA G 46 25.81 -42.27 -8.02
C ALA G 46 24.67 -43.30 -8.02
N ALA G 47 24.70 -44.26 -7.06
CA ALA G 47 23.70 -45.33 -6.92
C ALA G 47 22.35 -44.83 -6.39
N LEU G 48 22.33 -43.63 -5.81
CA LEU G 48 21.10 -43.05 -5.28
C LEU G 48 20.12 -42.73 -6.39
N ALA G 49 20.64 -42.32 -7.54
CA ALA G 49 19.80 -41.97 -8.68
C ALA G 49 19.56 -43.19 -9.57
N ASP G 50 19.72 -44.38 -9.04
CA ASP G 50 19.43 -45.60 -9.79
C ASP G 50 18.94 -46.73 -8.92
N GLY G 51 17.91 -46.48 -8.14
CA GLY G 51 17.33 -47.47 -7.24
C GLY G 51 17.40 -47.12 -5.76
N LEU G 52 18.64 -46.90 -5.26
CA LEU G 52 18.94 -46.77 -3.84
C LEU G 52 18.42 -45.51 -3.20
N ALA G 53 17.75 -45.71 -2.06
CA ALA G 53 17.23 -44.67 -1.19
C ALA G 53 17.85 -44.73 0.20
N LEU G 54 18.07 -43.55 0.78
CA LEU G 54 18.36 -43.41 2.20
C LEU G 54 17.18 -42.74 2.91
N VAL G 55 16.26 -43.57 3.43
CA VAL G 55 15.06 -43.16 4.14
C VAL G 55 15.42 -42.75 5.57
N THR G 56 14.99 -41.54 6.03
CA THR G 56 15.15 -41.11 7.42
C THR G 56 14.08 -41.79 8.29
N VAL G 57 14.54 -42.52 9.33
CA VAL G 57 13.66 -43.25 10.24
C VAL G 57 13.20 -42.32 11.39
N ASP G 58 14.16 -41.61 11.98
CA ASP G 58 13.94 -40.63 13.05
C ASP G 58 15.07 -39.63 13.10
N CYS G 59 14.85 -38.50 13.79
CA CYS G 59 15.92 -37.54 14.08
C CYS G 59 15.66 -36.85 15.38
N HIS G 60 16.72 -36.41 16.06
CA HIS G 60 16.64 -35.75 17.35
C HIS G 60 17.70 -34.65 17.41
N ALA G 61 17.41 -33.57 18.16
CA ALA G 61 18.33 -32.48 18.47
C ALA G 61 18.07 -31.95 19.91
N ASP G 62 19.14 -31.52 20.61
CA ASP G 62 19.09 -30.88 21.92
C ASP G 62 19.86 -29.58 21.78
N PHE G 63 19.34 -28.47 22.33
CA PHE G 63 19.91 -27.16 22.07
C PHE G 63 20.44 -26.51 23.37
N TYR G 64 21.77 -26.31 23.44
CA TYR G 64 22.49 -25.86 24.65
C TYR G 64 22.91 -24.40 24.66
N ALA G 65 23.33 -23.88 23.50
CA ALA G 65 23.82 -22.51 23.34
C ALA G 65 23.33 -21.89 22.05
N GLU G 66 23.11 -20.58 22.06
CA GLU G 66 22.58 -19.86 20.92
C GLU G 66 23.63 -19.59 19.85
N GLY G 67 23.28 -19.90 18.61
CA GLY G 67 24.07 -19.53 17.43
C GLY G 67 23.70 -18.14 16.97
N SER G 68 24.45 -17.59 16.01
CA SER G 68 24.19 -16.28 15.44
C SER G 68 24.65 -16.21 13.97
N ALA G 69 24.09 -15.26 13.20
CA ALA G 69 24.50 -15.04 11.82
C ALA G 69 26.02 -14.82 11.75
N PHE G 70 26.65 -15.52 10.82
CA PHE G 70 28.10 -15.49 10.52
C PHE G 70 28.98 -16.32 11.43
N ASP G 71 28.39 -17.09 12.36
CA ASP G 71 29.08 -18.14 13.11
C ASP G 71 29.52 -19.26 12.18
N GLU G 72 30.75 -19.76 12.40
CA GLU G 72 31.32 -20.90 11.68
C GLU G 72 31.06 -22.12 12.55
N VAL G 73 30.08 -22.94 12.13
CA VAL G 73 29.65 -24.13 12.85
C VAL G 73 30.30 -25.38 12.25
N GLU G 74 30.81 -26.27 13.12
CA GLU G 74 31.21 -27.60 12.72
C GLU G 74 30.12 -28.58 13.08
N VAL G 75 29.61 -29.29 12.08
CA VAL G 75 28.71 -30.43 12.27
C VAL G 75 29.56 -31.71 12.22
N ARG G 76 29.94 -32.19 13.40
CA ARG G 76 30.86 -33.29 13.57
C ARG G 76 30.06 -34.57 13.68
N MET G 77 30.29 -35.52 12.79
CA MET G 77 29.48 -36.72 12.73
C MET G 77 30.25 -37.97 13.14
N MET G 78 29.62 -38.78 14.00
CA MET G 78 30.11 -40.10 14.45
C MET G 78 29.10 -41.19 14.19
N LEU G 79 29.60 -42.41 14.01
CA LEU G 79 28.76 -43.59 13.80
C LEU G 79 28.39 -44.24 15.13
N ASP G 80 27.09 -44.27 15.45
CA ASP G 80 26.58 -44.93 16.64
C ASP G 80 26.43 -46.45 16.41
N ARG G 81 25.63 -46.83 15.40
CA ARG G 81 25.25 -48.20 15.13
C ARG G 81 25.15 -48.51 13.62
N LEU G 82 25.65 -49.70 13.22
CA LEU G 82 25.40 -50.25 11.89
C LEU G 82 24.71 -51.60 12.06
N ASP G 83 23.41 -51.66 11.70
CA ASP G 83 22.51 -52.75 12.07
C ASP G 83 21.76 -53.30 10.83
N GLY G 84 22.49 -53.99 9.96
CA GLY G 84 21.94 -54.66 8.79
C GLY G 84 21.67 -53.71 7.64
N HIS G 85 20.41 -53.24 7.54
CA HIS G 85 20.00 -52.25 6.56
C HIS G 85 19.97 -50.83 7.14
N ARG G 86 20.19 -50.68 8.47
CA ARG G 86 20.11 -49.40 9.21
C ARG G 86 21.45 -48.79 9.63
N ILE G 87 21.51 -47.43 9.64
CA ILE G 87 22.66 -46.64 10.11
C ILE G 87 22.19 -45.58 11.16
N ALA G 88 22.85 -45.53 12.32
CA ALA G 88 22.57 -44.53 13.35
C ALA G 88 23.78 -43.61 13.50
N MET G 89 23.55 -42.31 13.30
CA MET G 89 24.62 -41.30 13.39
C MET G 89 24.32 -40.33 14.50
N SER G 90 25.36 -39.81 15.15
CA SER G 90 25.20 -38.69 16.07
C SER G 90 25.95 -37.46 15.55
N PHE G 91 25.53 -36.27 16.00
CA PHE G 91 26.05 -34.98 15.56
C PHE G 91 26.44 -34.12 16.75
N ASP G 92 27.52 -33.39 16.60
CA ASP G 92 27.93 -32.33 17.52
C ASP G 92 28.04 -31.06 16.70
N TYR G 93 27.37 -30.01 17.17
CA TYR G 93 27.36 -28.70 16.54
C TYR G 93 28.23 -27.80 17.42
N VAL G 94 29.46 -27.52 16.96
CA VAL G 94 30.41 -26.70 17.68
C VAL G 94 30.68 -25.43 16.94
N ARG G 95 30.46 -24.28 17.58
CA ARG G 95 30.87 -23.01 16.98
C ARG G 95 32.37 -22.88 17.16
N VAL G 96 33.13 -22.76 16.06
CA VAL G 96 34.60 -22.68 16.11
C VAL G 96 35.14 -21.27 15.86
N ALA G 97 34.29 -20.40 15.32
CA ALA G 97 34.55 -18.98 15.14
C ALA G 97 33.19 -18.24 15.07
N PRO G 98 33.05 -17.05 15.66
CA PRO G 98 34.03 -16.33 16.48
C PRO G 98 34.10 -16.89 17.91
N GLY G 99 35.16 -16.53 18.60
CA GLY G 99 35.31 -16.81 20.02
C GLY G 99 35.63 -18.26 20.34
N PRO G 100 35.41 -18.67 21.63
CA PRO G 100 35.86 -20.00 22.04
C PRO G 100 34.98 -21.10 21.45
N PRO G 101 35.50 -22.32 21.27
CA PRO G 101 34.64 -23.41 20.78
C PRO G 101 33.50 -23.62 21.78
N THR G 102 32.26 -23.58 21.29
CA THR G 102 31.08 -23.71 22.12
C THR G 102 30.14 -24.78 21.55
N LEU G 103 29.75 -25.76 22.40
CA LEU G 103 28.75 -26.76 22.00
C LEU G 103 27.41 -26.06 21.96
N LEU G 104 26.90 -25.82 20.74
CA LEU G 104 25.62 -25.17 20.52
C LEU G 104 24.54 -26.19 20.68
N ALA G 105 24.74 -27.35 20.01
CA ALA G 105 23.75 -28.41 19.94
C ALA G 105 24.33 -29.76 19.77
N GLN G 106 23.45 -30.76 19.95
CA GLN G 106 23.71 -32.18 19.84
C GLN G 106 22.48 -32.76 19.23
N GLY G 107 22.66 -33.66 18.28
CA GLY G 107 21.57 -34.35 17.60
C GLY G 107 21.92 -35.78 17.26
N ARG G 108 20.96 -36.52 16.72
CA ARG G 108 21.09 -37.93 16.28
C ARG G 108 20.15 -38.17 15.09
N GLN G 109 20.37 -39.24 14.34
CA GLN G 109 19.55 -39.57 13.20
C GLN G 109 19.72 -41.04 12.81
N THR G 110 18.64 -41.67 12.34
CA THR G 110 18.64 -43.04 11.85
C THR G 110 18.19 -43.07 10.42
N VAL G 111 18.92 -43.81 9.60
CA VAL G 111 18.67 -43.90 8.18
C VAL G 111 18.57 -45.37 7.77
N ALA G 112 17.55 -45.72 6.98
CA ALA G 112 17.46 -47.07 6.40
C ALA G 112 17.81 -47.05 4.91
N CYS G 113 18.58 -48.05 4.48
CA CYS G 113 18.91 -48.29 3.07
C CYS G 113 17.73 -49.04 2.45
N MET G 114 17.09 -48.43 1.45
CA MET G 114 15.91 -48.96 0.79
C MET G 114 16.07 -49.00 -0.72
N ARG G 115 15.45 -50.00 -1.36
CA ARG G 115 15.44 -50.15 -2.80
C ARG G 115 14.01 -50.01 -3.31
N ARG G 116 13.85 -49.32 -4.46
CA ARG G 116 12.60 -49.24 -5.20
C ARG G 116 12.28 -50.58 -5.87
N ALA G 117 11.04 -51.09 -5.66
CA ALA G 117 10.60 -52.37 -6.19
C ALA G 117 9.27 -52.28 -6.99
N GLY G 118 8.64 -53.43 -7.21
CA GLY G 118 7.39 -53.47 -7.95
C GLY G 118 6.20 -53.82 -7.06
N HIS G 119 6.44 -53.85 -5.75
CA HIS G 119 5.37 -54.17 -4.81
C HIS G 119 5.45 -53.26 -3.59
N GLY G 120 6.66 -53.06 -3.09
CA GLY G 120 6.88 -52.21 -1.93
C GLY G 120 8.35 -51.98 -1.60
N LEU G 121 8.68 -50.78 -1.13
CA LEU G 121 10.07 -50.45 -0.78
C LEU G 121 10.65 -51.53 0.11
N GLU G 122 11.75 -52.12 -0.34
CA GLU G 122 12.38 -53.26 0.32
C GLU G 122 13.66 -52.86 1.05
N PRO G 123 13.96 -53.47 2.22
CA PRO G 123 15.22 -53.16 2.89
C PRO G 123 16.42 -53.83 2.22
N VAL G 124 17.44 -53.03 1.86
CA VAL G 124 18.69 -53.54 1.30
C VAL G 124 19.83 -53.32 2.27
N GLU G 125 20.69 -54.34 2.42
CA GLU G 125 21.89 -54.29 3.25
C GLU G 125 22.75 -53.10 2.84
N VAL G 126 23.35 -52.40 3.83
CA VAL G 126 24.17 -51.19 3.61
C VAL G 126 25.23 -51.47 2.52
N PRO G 127 25.32 -50.67 1.42
CA PRO G 127 26.32 -50.95 0.38
C PRO G 127 27.74 -51.08 0.91
N ALA G 128 28.48 -52.09 0.39
CA ALA G 128 29.84 -52.43 0.81
C ALA G 128 30.71 -51.19 1.01
N GLU G 129 30.71 -50.25 0.02
CA GLU G 129 31.50 -49.03 0.00
C GLU G 129 31.12 -48.07 1.13
N LEU G 130 29.81 -47.92 1.38
CA LEU G 130 29.32 -47.12 2.49
C LEU G 130 29.75 -47.67 3.85
N ARG G 131 29.48 -48.97 4.15
CA ARG G 131 29.82 -49.58 5.46
C ARG G 131 31.30 -49.46 5.82
N ARG G 132 32.17 -49.72 4.83
CA ARG G 132 33.60 -49.53 4.95
C ARG G 132 33.95 -48.08 5.33
N ALA G 133 33.29 -47.10 4.71
CA ALA G 133 33.50 -45.67 4.98
C ALA G 133 33.04 -45.23 6.37
N LEU G 134 31.83 -45.66 6.78
CA LEU G 134 31.24 -45.35 8.09
C LEU G 134 32.05 -45.93 9.24
N SER G 135 32.46 -47.18 9.09
CA SER G 135 33.24 -47.84 10.12
C SER G 135 34.72 -47.42 10.03
N ARG G 136 34.92 -46.12 9.74
CA ARG G 136 36.17 -45.38 9.92
C ARG G 136 35.92 -44.28 11.00
N TYR G 137 34.62 -43.97 11.30
CA TYR G 137 34.17 -43.01 12.33
C TYR G 137 33.34 -43.65 13.49
N ALA G 138 33.72 -44.88 13.87
CA ALA G 138 33.06 -45.65 14.91
C ALA G 138 33.44 -45.28 16.34
N VAL G 139 32.47 -45.31 17.23
CA VAL G 139 32.63 -44.95 18.63
C VAL G 139 33.54 -45.96 19.33
N VAL G 140 34.83 -45.62 19.49
CA VAL G 140 35.82 -46.56 20.02
C VAL G 140 36.23 -46.28 21.44
N ALA G 141 36.48 -47.36 22.16
CA ALA G 141 36.63 -47.30 23.62
C ALA G 141 38.02 -47.69 24.05
N ASP H 1 -8.41 -34.94 23.09
CA ASP H 1 -8.52 -33.81 22.18
C ASP H 1 -7.13 -33.22 21.88
N SER H 2 -6.97 -32.68 20.65
CA SER H 2 -5.72 -32.14 20.17
C SER H 2 -5.96 -30.86 19.41
N TYR H 3 -4.91 -30.00 19.32
CA TYR H 3 -4.95 -28.77 18.54
C TYR H 3 -4.56 -29.08 17.11
N VAL H 4 -5.46 -28.78 16.13
CA VAL H 4 -5.25 -29.11 14.71
C VAL H 4 -4.74 -27.95 13.86
N HIS H 5 -3.46 -28.05 13.45
CA HIS H 5 -2.81 -27.14 12.49
C HIS H 5 -2.78 -27.83 11.12
N ARG H 6 -3.40 -27.22 10.13
CA ARG H 6 -3.45 -27.78 8.78
C ARG H 6 -2.24 -27.31 7.97
N HIS H 7 -1.64 -28.23 7.21
CA HIS H 7 -0.56 -27.91 6.30
C HIS H 7 -0.75 -28.61 4.96
N VAL H 8 -0.60 -27.89 3.83
CA VAL H 8 -0.59 -28.50 2.51
C VAL H 8 0.83 -28.54 1.96
N VAL H 9 1.36 -29.75 1.71
CA VAL H 9 2.75 -29.99 1.24
C VAL H 9 2.97 -29.34 -0.12
N THR H 10 4.01 -28.51 -0.21
CA THR H 10 4.40 -27.72 -1.40
C THR H 10 5.61 -28.36 -2.10
N PHE H 11 5.90 -27.97 -3.38
CA PHE H 11 7.00 -28.59 -4.14
C PHE H 11 8.39 -28.35 -3.60
N ASP H 12 8.63 -27.17 -2.98
CA ASP H 12 9.90 -26.83 -2.32
C ASP H 12 10.20 -27.66 -1.08
N GLU H 13 9.20 -28.41 -0.56
CA GLU H 13 9.31 -29.35 0.57
C GLU H 13 9.59 -30.80 0.14
N THR H 14 9.52 -31.08 -1.19
CA THR H 14 9.77 -32.40 -1.77
C THR H 14 11.15 -32.45 -2.40
N ASN H 15 11.90 -33.55 -2.18
CA ASN H 15 13.22 -33.79 -2.81
C ASN H 15 13.07 -34.68 -4.07
N LEU H 16 14.18 -35.01 -4.74
CA LEU H 16 14.17 -35.79 -5.99
C LEU H 16 13.58 -37.20 -5.91
N VAL H 17 13.53 -37.76 -4.68
CA VAL H 17 12.85 -39.03 -4.37
C VAL H 17 11.31 -38.91 -4.57
N GLY H 18 10.76 -37.71 -4.39
CA GLY H 18 9.35 -37.41 -4.60
C GLY H 18 8.57 -37.19 -3.32
N ASN H 19 9.22 -37.42 -2.20
CA ASN H 19 8.62 -37.39 -0.86
C ASN H 19 9.06 -36.14 -0.12
N VAL H 20 8.44 -35.84 1.03
CA VAL H 20 8.79 -34.67 1.86
C VAL H 20 10.19 -34.86 2.48
N TYR H 21 11.09 -33.85 2.34
CA TYR H 21 12.38 -33.84 3.02
C TYR H 21 12.17 -33.85 4.52
N PHE H 22 12.92 -34.67 5.26
CA PHE H 22 12.68 -34.86 6.69
C PHE H 22 12.59 -33.54 7.51
N ALA H 23 13.47 -32.56 7.26
CA ALA H 23 13.66 -31.41 8.14
C ALA H 23 12.40 -30.59 8.23
N HIS H 24 11.57 -30.65 7.18
CA HIS H 24 10.33 -29.89 7.07
C HIS H 24 9.38 -30.19 8.18
N TYR H 25 9.35 -31.46 8.64
CA TYR H 25 8.44 -31.91 9.68
C TYR H 25 8.71 -31.12 10.97
N LEU H 26 9.98 -30.67 11.21
CA LEU H 26 10.38 -29.87 12.38
C LEU H 26 9.88 -28.44 12.31
N HIS H 27 10.03 -27.77 11.12
CA HIS H 27 9.40 -26.49 10.78
C HIS H 27 7.89 -26.48 11.12
N TRP H 28 7.16 -27.57 10.78
CA TRP H 28 5.70 -27.65 10.99
C TRP H 28 5.30 -27.65 12.47
N GLN H 29 6.16 -28.19 13.36
CA GLN H 29 6.00 -28.12 14.83
C GLN H 29 6.03 -26.68 15.30
N GLY H 30 6.93 -25.91 14.71
CA GLY H 30 7.08 -24.48 14.94
C GLY H 30 5.82 -23.76 14.53
N HIS H 31 5.29 -24.08 13.33
CA HIS H 31 4.07 -23.44 12.78
C HIS H 31 2.84 -23.76 13.68
N CYS H 32 2.74 -25.01 14.15
CA CYS H 32 1.66 -25.51 15.00
C CYS H 32 1.61 -24.76 16.33
N ARG H 33 2.77 -24.60 17.03
CA ARG H 33 2.84 -23.86 18.30
C ARG H 33 2.55 -22.38 18.12
N GLU H 34 3.11 -21.76 17.05
CA GLU H 34 2.87 -20.36 16.68
C GLU H 34 1.37 -20.12 16.40
N HIS H 35 0.77 -20.95 15.51
CA HIS H 35 -0.67 -20.92 15.17
C HIS H 35 -1.54 -21.12 16.42
N PHE H 36 -1.27 -21.95 17.25
CA PHE H 36 -1.94 -22.10 18.55
C PHE H 36 -1.99 -20.81 19.37
N LEU H 37 -0.87 -20.10 19.51
CA LEU H 37 -0.82 -18.79 20.21
C LEU H 37 -1.74 -17.74 19.57
N ALA H 38 -1.75 -17.70 18.21
CA ALA H 38 -2.63 -16.79 17.48
C ALA H 38 -4.10 -17.03 17.81
N ASP H 39 -4.49 -18.30 17.94
CA ASP H 39 -5.89 -18.72 18.14
C ASP H 39 -6.36 -18.65 19.60
N HIS H 40 -5.37 -19.16 20.68
CA HIS H 40 -5.78 -19.49 22.04
C HIS H 40 -5.05 -18.74 23.18
N ALA H 41 -3.93 -18.03 22.86
CA ALA H 41 -3.20 -17.21 23.82
C ALA H 41 -2.63 -15.93 23.18
N PRO H 42 -3.48 -15.02 22.64
CA PRO H 42 -2.96 -13.89 21.86
C PRO H 42 -2.22 -12.79 22.66
N GLY H 43 -2.37 -12.81 24.00
CA GLY H 43 -1.61 -11.94 24.89
C GLY H 43 -0.14 -12.32 24.96
N VAL H 44 0.12 -13.61 24.97
CA VAL H 44 1.48 -14.19 25.01
C VAL H 44 2.23 -13.82 23.72
N MET H 45 1.51 -13.90 22.58
CA MET H 45 1.90 -13.54 21.21
C MET H 45 2.47 -12.11 21.17
N ALA H 46 1.72 -11.15 21.76
CA ALA H 46 2.10 -9.75 21.90
C ALA H 46 3.31 -9.58 22.82
N ALA H 47 3.20 -10.27 23.95
CA ALA H 47 4.29 -10.23 24.94
C ALA H 47 5.63 -10.72 24.37
N LEU H 48 5.60 -11.39 23.24
CA LEU H 48 6.79 -11.90 22.60
C LEU H 48 7.58 -10.81 21.90
N ALA H 49 6.88 -9.81 21.38
CA ALA H 49 7.42 -8.58 20.82
C ALA H 49 8.15 -7.72 21.85
N ASP H 50 8.02 -7.99 23.13
CA ASP H 50 8.68 -7.25 24.20
C ASP H 50 9.17 -8.14 25.36
N GLY H 51 10.36 -8.71 25.17
CA GLY H 51 11.14 -9.38 26.19
C GLY H 51 11.12 -10.89 26.11
N LEU H 52 9.90 -11.46 26.14
CA LEU H 52 9.61 -12.89 26.28
C LEU H 52 10.10 -13.76 25.12
N ALA H 53 10.64 -14.67 25.52
CA ALA H 53 11.13 -15.70 24.61
C ALA H 53 10.51 -17.07 24.92
N LEU H 54 10.07 -17.78 23.89
CA LEU H 54 9.85 -19.21 24.04
C LEU H 54 11.02 -19.95 23.40
N VAL H 55 12.02 -20.31 24.23
CA VAL H 55 13.23 -21.01 23.81
C VAL H 55 12.94 -22.50 23.65
N THR H 56 13.59 -23.21 22.47
CA THR H 56 13.47 -24.67 22.25
C THR H 56 14.62 -25.39 22.97
N VAL H 57 14.28 -26.36 23.82
CA VAL H 57 15.23 -27.15 24.62
C VAL H 57 15.68 -28.39 23.82
N ASP H 58 14.73 -29.10 23.22
CA ASP H 58 14.93 -30.27 22.36
C ASP H 58 13.72 -30.45 21.40
N CYS H 59 13.93 -31.27 20.36
CA CYS H 59 12.89 -31.70 19.46
C CYS H 59 13.21 -33.07 18.92
N HIS H 60 12.19 -33.83 18.62
CA HIS H 60 12.31 -35.17 18.09
C HIS H 60 11.20 -35.42 17.06
N ALA H 61 11.46 -36.31 16.09
CA ALA H 61 10.54 -36.76 15.03
C ALA H 61 10.83 -38.24 14.69
N ASP H 62 9.78 -39.01 14.39
CA ASP H 62 9.87 -40.39 13.92
C ASP H 62 9.04 -40.47 12.63
N PHE H 63 9.58 -41.14 11.59
CA PHE H 63 8.96 -41.12 10.27
C PHE H 63 8.46 -42.49 9.85
N TYR H 64 7.13 -42.63 9.71
CA TYR H 64 6.44 -43.91 9.43
C TYR H 64 6.00 -44.13 7.98
N ALA H 65 5.48 -43.07 7.35
CA ALA H 65 4.95 -43.13 5.99
C ALA H 65 5.38 -41.93 5.20
N GLU H 66 5.57 -42.13 3.89
CA GLU H 66 6.01 -41.04 3.01
C GLU H 66 4.87 -40.09 2.65
N GLY H 67 5.13 -38.80 2.80
CA GLY H 67 4.26 -37.75 2.29
C GLY H 67 4.56 -37.45 0.83
N SER H 68 3.75 -36.61 0.21
CA SER H 68 3.92 -36.21 -1.18
C SER H 68 3.40 -34.78 -1.40
N ALA H 69 3.89 -34.11 -2.46
CA ALA H 69 3.40 -32.79 -2.83
C ALA H 69 1.89 -32.83 -3.01
N PHE H 70 1.22 -31.83 -2.42
CA PHE H 70 -0.23 -31.60 -2.42
C PHE H 70 -1.03 -32.35 -1.35
N ASP H 71 -0.41 -33.27 -0.62
CA ASP H 71 -1.02 -33.89 0.57
C ASP H 71 -1.47 -32.82 1.59
N GLU H 72 -2.65 -33.03 2.17
CA GLU H 72 -3.22 -32.19 3.21
C GLU H 72 -2.87 -32.88 4.51
N VAL H 73 -1.93 -32.31 5.25
CA VAL H 73 -1.43 -32.86 6.53
C VAL H 73 -2.09 -32.11 7.72
N GLU H 74 -2.50 -32.88 8.74
CA GLU H 74 -2.89 -32.34 10.05
C GLU H 74 -1.74 -32.53 11.02
N VAL H 75 -1.26 -31.41 11.57
CA VAL H 75 -0.29 -31.40 12.64
C VAL H 75 -1.07 -31.24 13.95
N ARG H 76 -1.36 -32.38 14.61
CA ARG H 76 -2.21 -32.46 15.79
C ARG H 76 -1.34 -32.42 17.01
N MET H 77 -1.57 -31.44 17.87
CA MET H 77 -0.69 -31.20 19.01
C MET H 77 -1.40 -31.47 20.34
N MET H 78 -0.69 -32.14 21.25
CA MET H 78 -1.15 -32.44 22.60
C MET H 78 -0.13 -32.00 23.62
N LEU H 79 -0.60 -31.73 24.85
CA LEU H 79 0.26 -31.38 25.98
C LEU H 79 0.71 -32.60 26.76
N ASP H 80 2.03 -32.84 26.77
CA ASP H 80 2.64 -33.91 27.55
C ASP H 80 2.86 -33.49 29.00
N ARG H 81 3.62 -32.39 29.22
CA ARG H 81 4.05 -31.92 30.53
C ARG H 81 4.04 -30.39 30.64
N LEU H 82 3.57 -29.87 31.78
CA LEU H 82 3.74 -28.47 32.17
C LEU H 82 4.46 -28.42 33.51
N ASP H 83 5.73 -28.02 33.48
CA ASP H 83 6.65 -28.18 34.60
C ASP H 83 7.38 -26.86 34.94
N GLY H 84 6.69 -25.97 35.66
CA GLY H 84 7.23 -24.71 36.13
C GLY H 84 7.36 -23.64 35.06
N HIS H 85 8.56 -23.58 34.40
CA HIS H 85 8.88 -22.70 33.28
C HIS H 85 8.90 -23.44 31.94
N ARG H 86 8.75 -24.80 31.96
CA ARG H 86 8.84 -25.69 30.79
C ARG H 86 7.52 -26.23 30.29
N ILE H 87 7.44 -26.47 28.96
CA ILE H 87 6.28 -27.04 28.25
C ILE H 87 6.76 -28.19 27.33
N ALA H 88 6.16 -29.36 27.44
CA ALA H 88 6.43 -30.50 26.55
C ALA H 88 5.22 -30.79 25.72
N MET H 89 5.38 -30.75 24.41
CA MET H 89 4.29 -31.03 23.47
C MET H 89 4.63 -32.24 22.65
N SER H 90 3.60 -33.03 22.25
CA SER H 90 3.76 -34.07 21.24
C SER H 90 2.91 -33.79 20.00
N PHE H 91 3.26 -34.42 18.86
CA PHE H 91 2.67 -34.12 17.58
C PHE H 91 2.35 -35.38 16.81
N ASP H 92 1.22 -35.36 16.09
CA ASP H 92 0.82 -36.40 15.12
C ASP H 92 0.66 -35.70 13.79
N TYR H 93 1.35 -36.21 12.77
CA TYR H 93 1.27 -35.76 11.39
C TYR H 93 0.43 -36.81 10.64
N VAL H 94 -0.86 -36.48 10.39
CA VAL H 94 -1.76 -37.40 9.73
C VAL H 94 -2.13 -36.79 8.40
N ARG H 95 -1.92 -37.54 7.28
CA ARG H 95 -2.41 -37.13 5.96
C ARG H 95 -3.89 -37.41 5.92
N VAL H 96 -4.70 -36.37 5.68
CA VAL H 96 -6.17 -36.48 5.68
C VAL H 96 -6.78 -36.45 4.27
N ALA H 97 -6.00 -36.00 3.29
CA ALA H 97 -6.30 -36.04 1.88
C ALA H 97 -4.99 -36.01 1.09
N PRO H 98 -4.87 -36.73 -0.04
CA PRO H 98 -5.85 -37.66 -0.61
C PRO H 98 -5.81 -39.02 0.08
N GLY H 99 -6.86 -39.78 -0.13
CA GLY H 99 -6.98 -41.15 0.36
C GLY H 99 -7.25 -41.29 1.85
N PRO H 100 -7.00 -42.47 2.40
CA PRO H 100 -7.34 -42.71 3.81
C PRO H 100 -6.42 -41.96 4.77
N PRO H 101 -6.91 -41.62 5.99
CA PRO H 101 -6.02 -41.01 6.98
C PRO H 101 -4.86 -41.94 7.27
N THR H 102 -3.63 -41.41 7.14
CA THR H 102 -2.38 -42.14 7.31
C THR H 102 -1.45 -41.40 8.23
N LEU H 103 -0.96 -42.07 9.26
CA LEU H 103 0.03 -41.48 10.16
C LEU H 103 1.38 -41.45 9.43
N LEU H 104 1.81 -40.25 9.04
CA LEU H 104 3.06 -40.06 8.32
C LEU H 104 4.23 -40.06 9.28
N ALA H 105 4.12 -39.30 10.38
CA ALA H 105 5.16 -39.16 11.37
C ALA H 105 4.59 -38.78 12.72
N GLN H 106 5.41 -38.80 13.76
CA GLN H 106 5.10 -38.31 15.11
C GLN H 106 6.30 -37.52 15.57
N GLY H 107 6.05 -36.53 16.41
CA GLY H 107 7.08 -35.63 16.92
C GLY H 107 6.89 -35.26 18.38
N ARG H 108 7.94 -34.72 18.99
CA ARG H 108 7.88 -34.10 20.32
C ARG H 108 8.71 -32.81 20.32
N GLN H 109 8.51 -31.99 21.35
CA GLN H 109 9.27 -30.76 21.53
C GLN H 109 9.15 -30.23 22.98
N THR H 110 10.24 -29.61 23.49
CA THR H 110 10.28 -28.99 24.81
C THR H 110 10.68 -27.55 24.65
N VAL H 111 9.95 -26.67 25.33
CA VAL H 111 10.12 -25.23 25.21
C VAL H 111 10.24 -24.65 26.60
N ALA H 112 11.24 -23.78 26.82
CA ALA H 112 11.36 -23.02 28.07
C ALA H 112 10.88 -21.57 27.88
N CYS H 113 10.09 -21.05 28.87
CA CYS H 113 9.59 -19.68 28.92
C CYS H 113 10.69 -18.81 29.46
N MET H 114 11.23 -17.92 28.59
CA MET H 114 12.45 -17.13 28.85
C MET H 114 12.27 -15.62 28.71
N ARG H 115 13.00 -14.84 29.51
CA ARG H 115 12.89 -13.39 29.38
C ARG H 115 14.21 -12.66 29.43
N ARG H 116 14.27 -11.57 28.65
CA ARG H 116 15.40 -10.66 28.59
C ARG H 116 15.61 -9.93 29.90
N ALA H 117 16.89 -9.78 30.28
CA ALA H 117 17.40 -9.18 31.52
C ALA H 117 18.92 -8.90 31.38
N GLY H 118 19.55 -8.41 32.46
CA GLY H 118 21.00 -8.43 32.62
C GLY H 118 21.49 -9.85 32.83
N HIS H 119 22.62 -10.15 32.21
CA HIS H 119 23.26 -11.46 32.15
C HIS H 119 22.47 -12.54 31.43
N GLY H 120 22.27 -12.36 30.14
CA GLY H 120 21.66 -13.40 29.34
C GLY H 120 20.18 -13.48 29.51
N LEU H 121 19.66 -14.69 29.64
CA LEU H 121 18.20 -14.91 29.65
C LEU H 121 17.74 -15.38 31.03
N GLU H 122 16.43 -15.25 31.35
CA GLU H 122 15.86 -15.66 32.63
C GLU H 122 14.63 -16.57 32.46
N PRO H 123 14.51 -17.64 33.29
CA PRO H 123 13.31 -18.50 33.20
C PRO H 123 12.10 -17.86 33.89
N VAL H 124 10.98 -17.75 33.16
CA VAL H 124 9.73 -17.21 33.69
C VAL H 124 8.69 -18.31 33.77
N GLU H 125 7.93 -18.40 34.88
CA GLU H 125 6.81 -19.36 35.03
C GLU H 125 5.83 -19.16 33.87
N VAL H 126 5.28 -20.27 33.33
CA VAL H 126 4.44 -20.24 32.13
C VAL H 126 3.33 -19.20 32.27
N PRO H 127 3.19 -18.23 31.31
CA PRO H 127 2.15 -17.18 31.47
C PRO H 127 0.76 -17.72 31.74
N ALA H 128 0.05 -17.10 32.68
CA ALA H 128 -1.29 -17.46 33.14
C ALA H 128 -2.18 -17.88 31.97
N GLU H 129 -2.20 -17.05 30.90
CA GLU H 129 -3.03 -17.22 29.70
C GLU H 129 -2.70 -18.48 28.91
N LEU H 130 -1.39 -18.81 28.78
CA LEU H 130 -0.87 -19.99 28.08
C LEU H 130 -1.00 -21.26 28.93
N ARG H 131 -0.96 -21.10 30.28
CA ARG H 131 -1.13 -22.17 31.29
C ARG H 131 -2.55 -22.76 31.24
N ARG H 132 -3.57 -21.94 30.95
CA ARG H 132 -4.96 -22.40 30.90
C ARG H 132 -5.32 -22.99 29.51
N ALA H 133 -4.78 -22.39 28.41
CA ALA H 133 -5.05 -22.82 27.04
C ALA H 133 -4.33 -24.12 26.77
N LEU H 134 -3.15 -24.33 27.37
CA LEU H 134 -2.48 -25.61 27.22
C LEU H 134 -3.22 -26.70 28.00
N SER H 135 -3.68 -26.40 29.21
CA SER H 135 -4.45 -27.32 30.05
C SER H 135 -5.63 -27.99 29.30
N ARG H 136 -6.35 -27.24 28.44
CA ARG H 136 -7.44 -27.75 27.61
C ARG H 136 -7.02 -28.92 26.69
N TYR H 137 -5.72 -29.10 26.44
CA TYR H 137 -5.23 -30.11 25.49
C TYR H 137 -4.40 -31.24 26.16
N ALA H 138 -4.57 -31.39 27.49
CA ALA H 138 -3.97 -32.43 28.34
C ALA H 138 -4.60 -33.81 28.16
N VAL H 139 -3.78 -34.83 28.36
CA VAL H 139 -4.14 -36.26 28.37
C VAL H 139 -5.11 -36.65 29.59
N VAL H 140 -6.34 -37.13 29.34
CA VAL H 140 -7.25 -37.69 30.39
C VAL H 140 -7.07 -39.21 30.40
N ALA H 141 -7.47 -39.89 31.49
CA ALA H 141 -7.15 -41.30 31.68
C ALA H 141 -8.40 -42.11 32.05
#